data_8DB7
#
_entry.id   8DB7
#
_cell.length_a   50.651
_cell.length_b   74.537
_cell.length_c   85.641
_cell.angle_alpha   83.019
_cell.angle_beta   80.897
_cell.angle_gamma   89.900
#
_symmetry.space_group_name_H-M   'P 1'
#
loop_
_entity.id
_entity.type
_entity.pdbx_description
1 polymer 'Inosine-uridine preferring nucleoside hydrolase family protein'
2 non-polymer GLYCEROL
3 non-polymer N-(4-fluorophenyl)-4,5-dihydro-1H-imidazol-2-amine
4 non-polymer 'CALCIUM ION'
5 water water
#
_entity_poly.entity_id   1
_entity_poly.type   'polypeptide(L)'
_entity_poly.pdbx_seq_one_letter_code
;MKLWIDTDCGIDDATAILICLANPSIEIVGISCIGGNASLQNVIRNVNRTLKVWGKTDIPIFGGCQAPLVQPKMEIPHIH
GGDGLGDINDNDFGTNTPNKLEKEHAVNALIHAANTIEDLNILCLAPLTNIAIALSMAPEAILKIKHFYIMGGAENGKGN
ITPYGEFNWRADPEAAQIVLQTYPQYQTTIASWTLAVFNSFNANDYDFFNLDGNLVRRFIRETWKPIIAFDGGRICPADP
LAAFIAVYGDRAIKRAERLHLSMVLEGEKLGMSLAEPDEKGCLVVKECDAELFVKILRELQDHQ
;
_entity_poly.pdbx_strand_id   B,A,C,D
#
loop_
_chem_comp.id
_chem_comp.type
_chem_comp.name
_chem_comp.formula
CA non-polymer 'CALCIUM ION' 'Ca 2'
GOL non-polymer GLYCEROL 'C3 H8 O3'
R2O non-polymer N-(4-fluorophenyl)-4,5-dihydro-1H-imidazol-2-amine 'C9 H10 F N3'
#
# COMPACT_ATOMS: atom_id res chain seq x y z
N MET A 1 -5.27 33.38 10.07
CA MET A 1 -4.60 32.12 9.76
C MET A 1 -3.26 31.90 10.48
N LYS A 2 -3.19 30.88 11.34
CA LYS A 2 -2.00 30.59 12.12
C LYS A 2 -1.12 29.59 11.37
N LEU A 3 0.14 29.95 11.15
CA LEU A 3 1.01 29.18 10.27
C LEU A 3 2.33 28.85 10.94
N TRP A 4 2.72 27.58 10.83
CA TRP A 4 4.04 27.12 11.21
C TRP A 4 4.82 26.75 9.95
N ILE A 5 6.13 27.01 9.95
CA ILE A 5 6.97 26.78 8.79
C ILE A 5 8.14 25.88 9.19
N ASP A 6 8.24 24.73 8.53
CA ASP A 6 9.41 23.86 8.58
C ASP A 6 10.20 24.01 7.29
N THR A 7 11.50 24.29 7.40
CA THR A 7 12.27 24.73 6.25
C THR A 7 13.71 24.23 6.31
N ASP A 8 14.30 23.99 5.13
CA ASP A 8 15.75 23.82 4.98
C ASP A 8 16.34 25.03 4.28
N CYS A 9 15.83 26.20 4.66
CA CYS A 9 16.07 27.49 4.03
C CYS A 9 17.34 27.53 3.21
N GLY A 10 17.18 27.17 1.95
CA GLY A 10 17.91 27.67 0.85
C GLY A 10 17.16 28.79 0.14
N ILE A 11 17.47 28.95 -1.13
CA ILE A 11 17.11 30.16 -1.84
C ILE A 11 15.59 30.28 -1.97
N ASP A 12 14.93 29.21 -2.44
CA ASP A 12 13.50 29.36 -2.72
C ASP A 12 12.67 29.30 -1.45
N ASP A 13 13.16 28.60 -0.42
CA ASP A 13 12.57 28.70 0.91
C ASP A 13 12.49 30.14 1.38
N ALA A 14 13.60 30.87 1.26
CA ALA A 14 13.64 32.24 1.78
C ALA A 14 12.52 33.08 1.16
N THR A 15 12.33 32.96 -0.16
CA THR A 15 11.24 33.67 -0.81
C THR A 15 9.89 33.19 -0.31
N ALA A 16 9.75 31.87 -0.08
CA ALA A 16 8.50 31.34 0.47
C ALA A 16 8.13 32.06 1.74
N ILE A 17 9.12 32.30 2.60
CA ILE A 17 8.88 32.92 3.89
C ILE A 17 8.50 34.39 3.70
N LEU A 18 9.20 35.08 2.81
CA LEU A 18 8.79 36.42 2.45
C LEU A 18 7.33 36.46 2.03
N ILE A 19 6.85 35.44 1.30
CA ILE A 19 5.45 35.45 0.88
C ILE A 19 4.52 35.38 2.09
N CYS A 20 4.90 34.59 3.09
CA CYS A 20 4.10 34.48 4.30
C CYS A 20 4.19 35.74 5.15
N LEU A 21 5.39 36.32 5.23
CA LEU A 21 5.60 37.50 6.05
C LEU A 21 4.76 38.65 5.55
N ALA A 22 4.68 38.80 4.21
CA ALA A 22 4.03 39.94 3.58
C ALA A 22 2.51 39.90 3.71
N ASN A 23 1.91 38.73 3.89
CA ASN A 23 0.47 38.84 3.96
C ASN A 23 0.02 38.97 5.41
N PRO A 24 -0.75 40.03 5.72
CA PRO A 24 -1.12 40.29 7.12
C PRO A 24 -2.13 39.31 7.67
N SER A 25 -2.84 38.58 6.81
CA SER A 25 -3.69 37.51 7.31
C SER A 25 -2.89 36.36 7.91
N ILE A 26 -1.58 36.32 7.67
CA ILE A 26 -0.71 35.22 8.11
C ILE A 26 0.02 35.62 9.36
N GLU A 27 -0.17 34.85 10.42
CA GLU A 27 0.67 34.95 11.61
C GLU A 27 1.64 33.77 11.59
N ILE A 28 2.93 34.06 11.49
CA ILE A 28 3.94 33.03 11.62
C ILE A 28 4.17 32.78 13.10
N VAL A 29 3.82 31.59 13.57
CA VAL A 29 3.96 31.28 14.98
C VAL A 29 5.31 30.65 15.32
N GLY A 30 5.92 29.93 14.38
CA GLY A 30 7.27 29.45 14.59
C GLY A 30 7.91 29.04 13.28
N ILE A 31 9.23 28.99 13.28
CA ILE A 31 9.96 28.44 12.16
C ILE A 31 10.89 27.34 12.68
N SER A 32 10.72 26.12 12.15
CA SER A 32 11.59 25.01 12.46
C SER A 32 12.56 24.78 11.31
N CYS A 33 13.76 24.30 11.67
CA CYS A 33 14.89 24.21 10.78
C CYS A 33 15.35 22.77 10.69
N ILE A 34 15.81 22.40 9.50
CA ILE A 34 16.31 21.06 9.24
C ILE A 34 17.37 21.13 8.16
N GLY A 35 18.37 20.26 8.23
CA GLY A 35 19.43 20.25 7.24
C GLY A 35 19.12 19.48 5.97
N GLY A 36 18.86 20.21 4.89
CA GLY A 36 18.57 19.62 3.59
C GLY A 36 19.51 20.21 2.56
N ASN A 37 19.10 21.33 1.95
CA ASN A 37 19.92 22.06 0.99
C ASN A 37 21.32 22.30 1.55
N ALA A 38 21.44 22.48 2.86
CA ALA A 38 22.70 22.71 3.53
C ALA A 38 22.55 22.27 4.98
N SER A 39 23.62 22.43 5.76
CA SER A 39 23.65 21.97 7.13
C SER A 39 22.63 22.73 7.98
N LEU A 40 22.22 22.10 9.08
CA LEU A 40 21.29 22.75 10.00
C LEU A 40 21.80 24.13 10.43
N GLN A 41 23.10 24.22 10.76
CA GLN A 41 23.68 25.49 11.14
C GLN A 41 23.45 26.56 10.07
N ASN A 42 23.62 26.20 8.80
CA ASN A 42 23.43 27.18 7.73
C ASN A 42 21.97 27.56 7.57
N VAL A 43 21.08 26.58 7.63
CA VAL A 43 19.65 26.84 7.60
C VAL A 43 19.26 27.86 8.65
N ILE A 44 19.70 27.63 9.90
CA ILE A 44 19.31 28.50 11.01
C ILE A 44 19.74 29.94 10.71
N ARG A 45 20.99 30.11 10.29
CA ARG A 45 21.49 31.43 9.91
C ARG A 45 20.71 32.01 8.73
N ASN A 46 20.27 31.17 7.79
CA ASN A 46 19.58 31.70 6.62
C ASN A 46 18.15 32.10 6.94
N VAL A 47 17.48 31.37 7.83
CA VAL A 47 16.22 31.89 8.33
C VAL A 47 16.43 33.24 9.00
N ASN A 48 17.49 33.36 9.81
CA ASN A 48 17.81 34.65 10.42
C ASN A 48 17.99 35.73 9.36
N ARG A 49 18.81 35.44 8.34
CA ARG A 49 19.01 36.42 7.27
C ARG A 49 17.68 36.89 6.72
N THR A 50 16.76 35.96 6.45
CA THR A 50 15.51 36.32 5.79
C THR A 50 14.63 37.19 6.67
N LEU A 51 14.51 36.82 7.95
CA LEU A 51 13.70 37.63 8.85
C LEU A 51 14.29 39.03 8.98
N LYS A 52 15.60 39.12 9.19
CA LYS A 52 16.27 40.41 9.34
C LYS A 52 16.03 41.31 8.13
N VAL A 53 16.40 40.82 6.93
CA VAL A 53 16.21 41.59 5.72
C VAL A 53 14.76 42.05 5.56
N TRP A 54 13.81 41.20 5.92
CA TRP A 54 12.43 41.63 5.90
C TRP A 54 12.12 42.61 7.02
N GLY A 55 12.87 42.56 8.13
CA GLY A 55 12.64 43.48 9.21
C GLY A 55 11.61 43.04 10.23
N LYS A 56 11.51 41.75 10.43
CA LYS A 56 10.66 41.20 11.45
C LYS A 56 11.30 40.00 12.08
N THR A 57 12.34 40.22 12.88
CA THR A 57 13.05 39.16 13.59
C THR A 57 12.32 38.90 14.89
N ASP A 58 11.00 38.76 14.76
CA ASP A 58 10.06 38.54 15.85
C ASP A 58 9.71 37.08 16.06
N ILE A 59 9.80 36.25 15.02
CA ILE A 59 9.29 34.88 15.03
C ILE A 59 10.32 33.98 15.68
N PRO A 60 9.90 33.09 16.59
CA PRO A 60 10.86 32.13 17.16
C PRO A 60 11.35 31.15 16.11
N ILE A 61 12.67 30.90 16.13
CA ILE A 61 13.33 29.97 15.21
C ILE A 61 13.83 28.77 16.01
N PHE A 62 13.44 27.56 15.57
CA PHE A 62 13.78 26.33 16.29
C PHE A 62 14.67 25.40 15.46
N GLY A 63 15.76 24.93 16.05
CA GLY A 63 16.60 23.94 15.39
C GLY A 63 16.00 22.54 15.53
N GLY A 64 15.99 21.80 14.43
CA GLY A 64 15.42 20.46 14.39
C GLY A 64 16.50 19.40 14.42
N CYS A 65 16.26 18.32 13.69
CA CYS A 65 17.22 17.22 13.65
C CYS A 65 18.43 17.59 12.81
N GLN A 66 19.46 16.73 12.89
CA GLN A 66 20.77 16.98 12.30
C GLN A 66 21.07 16.07 11.11
N ALA A 67 20.28 15.04 10.90
CA ALA A 67 20.45 14.17 9.75
C ALA A 67 19.08 13.68 9.36
N PRO A 68 18.95 13.07 8.17
CA PRO A 68 17.68 12.41 7.84
C PRO A 68 17.37 11.31 8.84
N LEU A 69 16.15 10.79 8.74
CA LEU A 69 15.68 9.82 9.71
C LEU A 69 16.62 8.64 9.81
N VAL A 70 16.81 7.91 8.72
CA VAL A 70 17.78 6.84 8.69
C VAL A 70 18.73 6.99 7.49
N GLN A 71 18.25 7.63 6.43
CA GLN A 71 19.01 7.77 5.20
C GLN A 71 20.30 8.57 5.39
N PRO A 72 21.36 8.17 4.68
CA PRO A 72 22.68 8.84 4.73
C PRO A 72 22.73 10.20 4.04
N LYS A 73 23.87 10.88 4.14
CA LYS A 73 24.04 12.21 3.56
C LYS A 73 24.17 12.24 2.04
N MET A 74 24.44 11.07 1.44
CA MET A 74 24.59 10.93 -0.01
C MET A 74 25.62 11.88 -0.64
N GLU A 75 25.36 12.29 -1.88
CA GLU A 75 26.26 13.19 -2.59
C GLU A 75 25.55 14.21 -3.46
N ILE A 76 25.58 15.47 -3.04
CA ILE A 76 24.96 16.55 -3.80
C ILE A 76 25.95 17.56 -4.36
N PRO A 77 25.65 18.20 -5.50
CA PRO A 77 26.20 19.55 -5.77
C PRO A 77 25.61 20.58 -4.81
N HIS A 78 26.34 21.66 -4.61
CA HIS A 78 25.81 22.77 -3.82
C HIS A 78 24.97 23.61 -4.75
N ILE A 79 23.72 23.18 -4.89
CA ILE A 79 22.77 23.81 -5.80
C ILE A 79 22.31 25.15 -5.22
N HIS A 80 22.26 25.28 -3.90
CA HIS A 80 21.87 26.51 -3.23
C HIS A 80 23.07 27.27 -2.69
N GLY A 81 24.28 26.96 -3.16
CA GLY A 81 25.48 27.63 -2.69
C GLY A 81 26.10 26.93 -1.50
N GLY A 82 27.37 27.29 -1.23
CA GLY A 82 28.04 26.73 -0.08
C GLY A 82 27.34 27.01 1.23
N ASP A 83 26.79 28.21 1.37
CA ASP A 83 26.08 28.58 2.59
C ASP A 83 24.61 28.20 2.54
N GLY A 84 24.18 27.51 1.47
CA GLY A 84 22.79 27.25 1.23
C GLY A 84 21.92 28.44 0.86
N LEU A 85 22.47 29.66 0.75
CA LEU A 85 21.62 30.79 0.43
C LEU A 85 22.22 31.62 -0.72
N GLY A 86 22.82 30.94 -1.69
CA GLY A 86 23.42 31.62 -2.81
C GLY A 86 24.73 32.34 -2.55
N ASP A 87 25.35 32.11 -1.38
CA ASP A 87 26.65 32.69 -1.02
C ASP A 87 26.62 34.22 -1.06
N ILE A 88 25.60 34.78 -0.43
CA ILE A 88 25.44 36.24 -0.43
C ILE A 88 26.37 36.87 0.61
N ASN A 89 26.60 38.17 0.46
CA ASN A 89 27.41 38.94 1.41
C ASN A 89 26.48 39.58 2.42
N ASP A 90 26.71 39.28 3.71
CA ASP A 90 25.89 39.86 4.79
C ASP A 90 26.02 41.39 4.85
N ASN A 91 27.13 41.95 4.38
CA ASN A 91 27.27 43.39 4.40
C ASN A 91 26.37 44.04 3.37
N ASP A 92 26.05 43.30 2.30
CA ASP A 92 25.07 43.78 1.33
C ASP A 92 23.67 43.80 1.88
N PHE A 93 23.47 43.35 3.13
CA PHE A 93 22.15 43.29 3.76
C PHE A 93 22.12 43.70 5.22
N GLY A 94 23.29 43.96 5.83
CA GLY A 94 23.33 44.36 7.22
C GLY A 94 23.07 43.25 8.22
N THR A 95 23.26 41.98 7.83
CA THR A 95 22.86 40.86 8.66
C THR A 95 24.03 40.21 9.37
N ASN A 96 25.16 40.91 9.49
CA ASN A 96 26.22 40.56 10.45
C ASN A 96 25.80 41.09 11.82
N THR A 97 24.74 40.50 12.33
CA THR A 97 24.26 40.74 13.69
C THR A 97 23.99 39.36 14.27
N PRO A 98 23.90 39.24 15.60
CA PRO A 98 23.78 37.90 16.19
C PRO A 98 22.56 37.14 15.69
N ASN A 99 22.65 35.81 15.73
CA ASN A 99 21.56 34.95 15.28
C ASN A 99 20.73 34.47 16.46
N LYS A 100 19.42 34.49 16.30
CA LYS A 100 18.51 33.98 17.30
C LYS A 100 18.20 32.51 17.06
N LEU A 101 17.98 31.79 18.16
CA LEU A 101 17.81 30.33 18.15
C LEU A 101 17.22 29.91 19.48
N GLU A 102 16.00 29.38 19.47
CA GLU A 102 15.36 29.01 20.73
C GLU A 102 16.04 27.78 21.34
N LYS A 103 15.64 27.48 22.58
CA LYS A 103 16.26 26.40 23.31
C LYS A 103 15.62 25.05 22.97
N GLU A 104 14.30 24.98 22.98
CA GLU A 104 13.62 23.72 22.73
C GLU A 104 13.96 23.19 21.35
N HIS A 105 14.09 21.87 21.26
CA HIS A 105 14.20 21.22 19.96
C HIS A 105 12.94 21.46 19.14
N ALA A 106 13.09 21.57 17.81
CA ALA A 106 11.94 21.90 17.01
C ALA A 106 10.85 20.85 17.12
N VAL A 107 11.21 19.58 17.28
CA VAL A 107 10.20 18.53 17.43
C VAL A 107 9.34 18.80 18.66
N ASN A 108 9.97 19.01 19.82
CA ASN A 108 9.23 19.32 21.02
C ASN A 108 8.41 20.60 20.84
N ALA A 109 9.02 21.62 20.24
CA ALA A 109 8.32 22.90 20.09
C ALA A 109 7.17 22.81 19.09
N LEU A 110 7.27 21.93 18.09
CA LEU A 110 6.14 21.75 17.19
C LEU A 110 4.98 21.08 17.92
N ILE A 111 5.28 20.00 18.65
CA ILE A 111 4.27 19.27 19.38
C ILE A 111 3.53 20.19 20.35
N HIS A 112 4.27 21.04 21.06
CA HIS A 112 3.64 21.99 21.97
C HIS A 112 2.67 22.90 21.23
N ALA A 113 3.08 23.40 20.07
CA ALA A 113 2.24 24.34 19.33
C ALA A 113 1.00 23.65 18.79
N ALA A 114 1.13 22.41 18.34
CA ALA A 114 -0.04 21.69 17.86
C ALA A 114 -1.03 21.39 18.99
N ASN A 115 -0.59 21.47 20.24
CA ASN A 115 -1.48 21.29 21.37
C ASN A 115 -2.10 22.58 21.85
N THR A 116 -1.30 23.66 21.96
CA THR A 116 -1.72 24.89 22.62
C THR A 116 -2.19 25.98 21.67
N ILE A 117 -2.29 25.71 20.37
CA ILE A 117 -2.68 26.73 19.40
C ILE A 117 -3.79 26.15 18.54
N GLU A 118 -4.87 26.93 18.36
CA GLU A 118 -6.06 26.45 17.68
C GLU A 118 -6.00 26.77 16.20
N ASP A 119 -6.53 25.85 15.38
CA ASP A 119 -6.53 26.00 13.93
C ASP A 119 -5.12 26.25 13.38
N LEU A 120 -4.15 25.48 13.88
CA LEU A 120 -2.78 25.65 13.44
C LEU A 120 -2.56 24.99 12.08
N ASN A 121 -1.84 25.70 11.22
CA ASN A 121 -1.43 25.19 9.92
C ASN A 121 0.08 25.08 9.87
N ILE A 122 0.55 24.14 9.07
CA ILE A 122 1.98 23.94 8.87
C ILE A 122 2.27 23.98 7.37
N LEU A 123 3.33 24.70 7.02
CA LEU A 123 3.84 24.75 5.66
C LEU A 123 5.23 24.11 5.70
N CYS A 124 5.36 22.95 5.06
CA CYS A 124 6.58 22.16 5.03
C CYS A 124 7.33 22.41 3.73
N LEU A 125 8.59 22.82 3.83
CA LEU A 125 9.37 23.17 2.65
C LEU A 125 10.66 22.37 2.56
N ALA A 126 10.69 21.20 3.18
CA ALA A 126 11.98 20.59 3.49
C ALA A 126 11.78 19.08 3.55
N PRO A 127 12.86 18.32 3.65
CA PRO A 127 12.71 16.91 3.99
C PRO A 127 11.98 16.79 5.32
N LEU A 128 11.13 15.79 5.43
CA LEU A 128 10.09 15.80 6.44
C LEU A 128 10.56 15.25 7.78
N THR A 129 11.87 15.24 8.04
CA THR A 129 12.40 14.60 9.26
C THR A 129 11.74 15.13 10.54
N ASN A 130 11.70 16.45 10.70
CA ASN A 130 11.15 17.01 11.94
C ASN A 130 9.70 16.56 12.13
N ILE A 131 8.92 16.66 11.08
CA ILE A 131 7.48 16.35 11.15
C ILE A 131 7.27 14.88 11.46
N ALA A 132 8.00 13.99 10.78
CA ALA A 132 7.81 12.56 10.95
C ALA A 132 8.18 12.13 12.37
N ILE A 133 9.19 12.77 12.97
CA ILE A 133 9.55 12.42 14.33
C ILE A 133 8.47 12.91 15.29
N ALA A 134 7.88 14.08 14.99
CA ALA A 134 6.80 14.57 15.84
C ALA A 134 5.56 13.69 15.73
N LEU A 135 5.28 13.16 14.54
CA LEU A 135 4.17 12.23 14.43
C LEU A 135 4.48 10.88 15.09
N SER A 136 5.76 10.48 15.11
CA SER A 136 6.08 9.23 15.80
C SER A 136 5.92 9.39 17.31
N MET A 137 6.38 10.51 17.86
CA MET A 137 6.31 10.74 19.30
C MET A 137 4.88 10.97 19.77
N ALA A 138 4.26 12.04 19.26
CA ALA A 138 2.94 12.50 19.68
C ALA A 138 2.03 12.66 18.48
N PRO A 139 1.60 11.54 17.87
CA PRO A 139 0.67 11.67 16.74
C PRO A 139 -0.63 12.38 17.12
N GLU A 140 -1.12 12.14 18.34
CA GLU A 140 -2.35 12.80 18.78
C GLU A 140 -2.21 14.32 18.76
N ALA A 141 -1.05 14.84 19.17
CA ALA A 141 -0.85 16.29 19.14
C ALA A 141 -0.79 16.80 17.71
N ILE A 142 0.09 16.23 16.88
CA ILE A 142 0.27 16.73 15.53
C ILE A 142 -1.04 16.64 14.76
N LEU A 143 -1.86 15.62 15.04
CA LEU A 143 -3.11 15.45 14.30
C LEU A 143 -4.12 16.57 14.58
N LYS A 144 -3.93 17.35 15.64
CA LYS A 144 -4.76 18.54 15.88
C LYS A 144 -4.54 19.62 14.82
N ILE A 145 -3.37 19.64 14.17
CA ILE A 145 -3.09 20.63 13.15
C ILE A 145 -4.18 20.59 12.08
N LYS A 146 -4.60 21.77 11.62
CA LYS A 146 -5.77 21.83 10.75
C LYS A 146 -5.46 21.35 9.33
N HIS A 147 -4.34 21.80 8.76
CA HIS A 147 -4.00 21.44 7.38
C HIS A 147 -2.49 21.38 7.22
N PHE A 148 -2.04 20.50 6.31
CA PHE A 148 -0.63 20.39 5.92
C PHE A 148 -0.46 20.88 4.48
N TYR A 149 0.45 21.84 4.29
CA TYR A 149 0.87 22.25 2.96
C TYR A 149 2.33 21.87 2.80
N ILE A 150 2.61 21.07 1.78
CA ILE A 150 3.90 20.41 1.64
C ILE A 150 4.42 20.65 0.22
N MET A 151 5.64 21.16 0.12
CA MET A 151 6.38 21.11 -1.14
C MET A 151 7.21 19.83 -1.11
N GLY A 152 6.88 18.91 -2.00
CA GLY A 152 7.62 17.68 -2.06
C GLY A 152 7.03 16.85 -3.19
N GLY A 153 7.79 15.83 -3.59
CA GLY A 153 7.31 14.85 -4.54
C GLY A 153 7.20 15.30 -5.97
N ALA A 154 6.89 14.33 -6.85
CA ALA A 154 6.61 14.57 -8.26
C ALA A 154 5.68 13.44 -8.70
N GLU A 155 4.39 13.77 -8.84
CA GLU A 155 3.34 12.78 -9.11
C GLU A 155 3.45 12.14 -10.48
N ASN A 156 4.15 12.77 -11.41
CA ASN A 156 4.46 12.16 -12.70
C ASN A 156 5.79 11.40 -12.68
N GLY A 157 6.34 11.12 -11.49
CA GLY A 157 7.54 10.33 -11.41
C GLY A 157 8.77 10.97 -12.00
N LYS A 158 8.76 12.27 -12.23
CA LYS A 158 9.90 13.00 -12.79
C LYS A 158 10.50 13.87 -11.69
N GLY A 159 11.61 13.40 -11.12
CA GLY A 159 12.24 14.09 -10.00
C GLY A 159 13.28 15.09 -10.46
N ASN A 160 14.02 15.61 -9.47
CA ASN A 160 15.08 16.57 -9.77
C ASN A 160 16.43 16.12 -9.24
N ILE A 161 16.51 15.70 -7.97
CA ILE A 161 17.81 15.20 -7.48
C ILE A 161 18.09 13.82 -8.07
N THR A 162 17.05 13.11 -8.44
CA THR A 162 17.02 11.81 -9.07
C THR A 162 16.05 11.85 -10.24
N PRO A 163 16.32 11.09 -11.32
CA PRO A 163 15.33 10.93 -12.39
C PRO A 163 13.92 10.68 -11.89
N TYR A 164 13.78 10.05 -10.72
CA TYR A 164 12.50 9.63 -10.19
C TYR A 164 12.05 10.38 -8.96
N GLY A 165 12.97 10.95 -8.20
CA GLY A 165 12.65 11.49 -6.89
C GLY A 165 12.93 12.97 -6.72
N GLU A 166 11.97 13.69 -6.15
CA GLU A 166 12.12 15.09 -5.80
C GLU A 166 13.00 15.21 -4.55
N PHE A 167 13.72 16.33 -4.44
CA PHE A 167 14.78 16.42 -3.44
C PHE A 167 14.28 16.19 -2.00
N ASN A 168 13.20 16.89 -1.59
CA ASN A 168 12.76 16.78 -0.20
C ASN A 168 12.42 15.33 0.16
N TRP A 169 11.75 14.62 -0.74
CA TRP A 169 11.28 13.29 -0.46
C TRP A 169 12.30 12.21 -0.79
N ARG A 170 13.30 12.52 -1.60
CA ARG A 170 14.42 11.61 -1.71
C ARG A 170 15.39 11.80 -0.56
N ALA A 171 15.47 13.02 0.00
CA ALA A 171 16.40 13.22 1.12
C ALA A 171 15.97 12.46 2.38
N ASP A 172 14.67 12.29 2.62
CA ASP A 172 14.19 11.51 3.76
C ASP A 172 12.90 10.80 3.36
N PRO A 173 12.99 9.75 2.55
CA PRO A 173 11.76 9.07 2.10
C PRO A 173 10.98 8.44 3.24
N GLU A 174 11.68 7.92 4.25
CA GLU A 174 10.99 7.39 5.41
C GLU A 174 10.15 8.48 6.07
N ALA A 175 10.72 9.67 6.23
CA ALA A 175 9.97 10.77 6.85
C ALA A 175 8.73 11.11 6.04
N ALA A 176 8.86 11.18 4.71
CA ALA A 176 7.69 11.44 3.88
C ALA A 176 6.64 10.35 4.05
N GLN A 177 7.04 9.08 3.94
CA GLN A 177 6.07 8.00 4.09
C GLN A 177 5.36 8.09 5.42
N ILE A 178 6.09 8.46 6.47
CA ILE A 178 5.47 8.60 7.79
C ILE A 178 4.39 9.64 7.75
N VAL A 179 4.64 10.77 7.09
CA VAL A 179 3.61 11.79 7.02
C VAL A 179 2.43 11.30 6.19
N LEU A 180 2.71 10.71 5.03
CA LEU A 180 1.61 10.31 4.17
C LEU A 180 0.78 9.19 4.75
N GLN A 181 1.28 8.51 5.79
CA GLN A 181 0.57 7.40 6.40
C GLN A 181 0.10 7.70 7.82
N THR A 182 0.42 8.88 8.36
CA THR A 182 0.00 9.25 9.71
C THR A 182 -0.83 10.53 9.76
N TYR A 183 -0.57 11.48 8.87
CA TYR A 183 -1.48 12.61 8.91
C TYR A 183 -2.46 12.48 7.76
N PRO A 184 -3.75 12.77 8.00
CA PRO A 184 -4.77 12.48 6.98
C PRO A 184 -4.43 13.16 5.66
N GLN A 185 -4.28 12.35 4.61
CA GLN A 185 -3.98 12.91 3.30
C GLN A 185 -5.10 13.82 2.82
N TYR A 186 -6.33 13.61 3.27
CA TYR A 186 -7.42 14.47 2.85
C TYR A 186 -7.17 15.91 3.29
N GLN A 187 -6.56 16.10 4.45
CA GLN A 187 -6.20 17.43 4.95
C GLN A 187 -4.80 17.86 4.54
N THR A 188 -4.27 17.29 3.46
CA THR A 188 -2.93 17.57 2.97
C THR A 188 -3.00 18.09 1.54
N THR A 189 -2.41 19.26 1.31
CA THR A 189 -2.26 19.84 -0.03
C THR A 189 -0.79 19.77 -0.42
N ILE A 190 -0.51 19.44 -1.68
CA ILE A 190 0.85 19.22 -2.16
C ILE A 190 1.15 20.17 -3.31
N ALA A 191 2.31 20.85 -3.21
CA ALA A 191 2.96 21.51 -4.35
C ALA A 191 4.20 20.70 -4.71
N SER A 192 4.14 20.01 -5.84
CA SER A 192 5.15 19.05 -6.22
C SER A 192 6.19 19.72 -7.09
N TRP A 193 7.26 18.98 -7.37
CA TRP A 193 8.21 19.44 -8.37
C TRP A 193 7.62 19.38 -9.77
N THR A 194 6.61 18.56 -9.99
CA THR A 194 5.92 18.58 -11.28
C THR A 194 5.26 19.94 -11.49
N LEU A 195 4.54 20.41 -10.47
CA LEU A 195 3.98 21.75 -10.49
C LEU A 195 5.05 22.82 -10.74
N ALA A 196 6.15 22.77 -9.97
CA ALA A 196 7.14 23.85 -10.03
C ALA A 196 7.79 23.96 -11.42
N VAL A 197 7.87 22.87 -12.16
CA VAL A 197 8.42 22.98 -13.52
C VAL A 197 7.34 23.43 -14.48
N PHE A 198 6.12 22.90 -14.31
CA PHE A 198 5.00 23.35 -15.13
C PHE A 198 4.75 24.84 -15.00
N ASN A 199 4.68 25.34 -13.78
CA ASN A 199 4.55 26.78 -13.56
C ASN A 199 5.90 27.46 -13.47
N SER A 200 6.86 27.04 -14.27
CA SER A 200 8.15 27.71 -14.28
C SER A 200 8.11 28.91 -15.23
N PHE A 201 9.09 29.79 -15.08
CA PHE A 201 9.18 31.00 -15.90
C PHE A 201 10.56 31.06 -16.53
N ASN A 202 10.63 31.35 -17.84
CA ASN A 202 11.90 31.70 -18.43
C ASN A 202 12.37 33.03 -17.84
N ALA A 203 13.59 33.04 -17.29
CA ALA A 203 14.06 34.19 -16.55
C ALA A 203 14.51 35.34 -17.44
N ASN A 204 14.58 35.13 -18.77
CA ASN A 204 14.85 36.23 -19.68
C ASN A 204 13.59 37.04 -19.98
N ASP A 205 12.42 36.41 -19.85
CA ASP A 205 11.14 37.05 -20.13
C ASP A 205 10.44 37.59 -18.89
N TYR A 206 10.78 37.11 -17.70
CA TYR A 206 10.18 37.60 -16.46
C TYR A 206 11.28 38.12 -15.56
N ASP A 207 11.08 39.32 -15.02
CA ASP A 207 12.14 40.02 -14.31
C ASP A 207 11.86 40.16 -12.82
N PHE A 208 10.85 39.45 -12.31
CA PHE A 208 10.39 39.74 -10.96
C PHE A 208 11.35 39.26 -9.89
N PHE A 209 12.36 38.47 -10.26
CA PHE A 209 13.46 38.10 -9.38
C PHE A 209 14.75 38.81 -9.78
N ASN A 210 14.63 40.00 -10.37
CA ASN A 210 15.77 40.69 -10.98
C ASN A 210 15.68 42.21 -10.85
N LEU A 211 15.53 42.72 -9.62
CA LEU A 211 15.35 44.15 -9.35
C LEU A 211 16.37 44.64 -8.31
N ASP A 212 16.72 45.94 -8.31
CA ASP A 212 17.28 46.60 -7.11
C ASP A 212 16.33 47.72 -6.76
N GLY A 213 16.73 48.53 -5.79
CA GLY A 213 15.85 49.58 -5.29
C GLY A 213 15.59 49.51 -3.80
N ASN A 214 15.34 48.29 -3.28
CA ASN A 214 15.25 48.07 -1.85
C ASN A 214 15.91 46.74 -1.49
N LEU A 215 16.01 46.50 -0.18
CA LEU A 215 16.75 45.34 0.33
C LEU A 215 16.03 44.04 -0.02
N VAL A 216 14.70 44.04 0.01
CA VAL A 216 13.95 42.84 -0.35
C VAL A 216 14.23 42.44 -1.81
N ARG A 217 14.26 43.42 -2.71
CA ARG A 217 14.59 43.12 -4.10
C ARG A 217 16.02 42.64 -4.24
N ARG A 218 16.96 43.32 -3.58
CA ARG A 218 18.36 42.91 -3.65
C ARG A 218 18.53 41.47 -3.16
N PHE A 219 17.90 41.14 -2.03
CA PHE A 219 17.98 39.80 -1.45
C PHE A 219 17.47 38.76 -2.43
N ILE A 220 16.31 39.01 -3.01
CA ILE A 220 15.68 38.05 -3.91
C ILE A 220 16.48 37.90 -5.19
N ARG A 221 17.05 39.00 -5.70
CA ARG A 221 17.83 38.92 -6.93
C ARG A 221 19.12 38.14 -6.70
N GLU A 222 19.85 38.47 -5.62
CA GLU A 222 21.15 37.85 -5.42
C GLU A 222 21.03 36.40 -4.96
N THR A 223 20.04 36.07 -4.12
CA THR A 223 19.92 34.67 -3.71
C THR A 223 19.49 33.81 -4.89
N TRP A 224 18.56 34.29 -5.72
CA TRP A 224 18.01 33.49 -6.80
C TRP A 224 18.95 33.35 -8.00
N LYS A 225 20.02 34.13 -8.07
CA LYS A 225 20.87 34.13 -9.26
C LYS A 225 21.53 32.78 -9.55
N PRO A 226 22.21 32.11 -8.60
CA PRO A 226 22.83 30.81 -8.94
C PRO A 226 21.84 29.70 -9.21
N ILE A 227 20.70 29.65 -8.52
CA ILE A 227 19.81 28.52 -8.77
C ILE A 227 19.04 28.71 -10.06
N ILE A 228 18.67 29.95 -10.40
CA ILE A 228 18.14 30.23 -11.73
C ILE A 228 19.07 29.68 -12.80
N ALA A 229 20.38 29.90 -12.61
CA ALA A 229 21.38 29.32 -13.51
C ALA A 229 21.35 27.79 -13.46
N PHE A 230 21.36 27.22 -12.25
CA PHE A 230 21.39 25.77 -12.13
C PHE A 230 20.17 25.16 -12.80
N ASP A 231 19.02 25.82 -12.69
CA ASP A 231 17.79 25.33 -13.29
C ASP A 231 17.70 25.65 -14.78
N GLY A 232 18.82 26.05 -15.40
CA GLY A 232 18.92 26.32 -16.83
C GLY A 232 18.26 27.60 -17.29
N GLY A 233 18.46 28.70 -16.56
CA GLY A 233 17.81 29.95 -16.91
C GLY A 233 16.32 30.00 -16.64
N ARG A 234 15.75 28.94 -16.07
CA ARG A 234 14.34 28.96 -15.68
C ARG A 234 14.20 29.33 -14.21
N ILE A 235 13.05 29.91 -13.87
CA ILE A 235 12.63 30.09 -12.49
C ILE A 235 11.69 28.95 -12.16
N CYS A 236 12.08 28.07 -11.25
CA CYS A 236 11.26 26.95 -10.80
C CYS A 236 10.85 27.19 -9.36
N PRO A 237 9.78 27.93 -9.11
CA PRO A 237 9.55 28.42 -7.73
C PRO A 237 8.84 27.39 -6.85
N ALA A 238 9.57 26.32 -6.54
CA ALA A 238 8.96 25.20 -5.84
C ALA A 238 8.38 25.63 -4.49
N ASP A 239 9.24 26.08 -3.57
CA ASP A 239 8.74 26.48 -2.25
C ASP A 239 7.82 27.70 -2.31
N PRO A 240 8.16 28.78 -3.04
CA PRO A 240 7.21 29.90 -3.13
C PRO A 240 5.83 29.48 -3.59
N LEU A 241 5.73 28.54 -4.52
CA LEU A 241 4.41 28.06 -4.93
C LEU A 241 3.69 27.39 -3.77
N ALA A 242 4.41 26.64 -2.94
CA ALA A 242 3.77 26.04 -1.78
C ALA A 242 3.33 27.11 -0.79
N ALA A 243 4.16 28.13 -0.57
CA ALA A 243 3.72 29.24 0.28
C ALA A 243 2.53 29.95 -0.36
N PHE A 244 2.61 30.16 -1.68
CA PHE A 244 1.50 30.77 -2.42
C PHE A 244 0.19 30.05 -2.16
N ILE A 245 0.18 28.73 -2.30
CA ILE A 245 -1.04 27.95 -2.07
C ILE A 245 -1.46 28.02 -0.60
N ALA A 246 -0.49 28.05 0.31
CA ALA A 246 -0.86 28.09 1.72
C ALA A 246 -1.57 29.40 2.06
N VAL A 247 -1.07 30.52 1.55
CA VAL A 247 -1.59 31.81 1.97
C VAL A 247 -2.89 32.15 1.25
N TYR A 248 -3.02 31.81 -0.02
CA TYR A 248 -4.11 32.32 -0.83
C TYR A 248 -5.21 31.28 -1.12
N GLY A 249 -5.02 30.03 -0.71
CA GLY A 249 -6.11 29.07 -0.76
C GLY A 249 -6.61 28.81 -2.16
N ASP A 250 -7.93 28.70 -2.31
CA ASP A 250 -8.49 28.28 -3.59
C ASP A 250 -8.16 29.27 -4.71
N ARG A 251 -7.94 30.54 -4.36
CA ARG A 251 -7.60 31.53 -5.38
C ARG A 251 -6.24 31.27 -5.99
N ALA A 252 -5.36 30.59 -5.24
CA ALA A 252 -4.04 30.27 -5.73
C ALA A 252 -4.05 29.15 -6.75
N ILE A 253 -5.08 28.31 -6.73
CA ILE A 253 -5.09 27.06 -7.50
C ILE A 253 -5.99 27.24 -8.72
N LYS A 254 -5.41 27.03 -9.89
CA LYS A 254 -6.23 26.89 -11.10
C LYS A 254 -6.75 25.45 -11.28
N ARG A 255 -5.93 24.43 -10.97
CA ARG A 255 -6.34 23.04 -11.15
C ARG A 255 -5.58 22.11 -10.21
N ALA A 256 -6.31 21.15 -9.63
CA ALA A 256 -5.78 20.20 -8.67
C ALA A 256 -6.44 18.85 -8.93
N GLU A 257 -5.84 17.79 -8.38
CA GLU A 257 -6.43 16.45 -8.44
C GLU A 257 -6.21 15.73 -7.11
N ARG A 258 -7.29 15.26 -6.50
CA ARG A 258 -7.19 14.38 -5.34
C ARG A 258 -6.38 13.13 -5.70
N LEU A 259 -5.28 12.90 -4.99
CA LEU A 259 -4.37 11.80 -5.31
C LEU A 259 -3.84 11.21 -4.01
N HIS A 260 -4.07 9.90 -3.82
CA HIS A 260 -3.44 9.20 -2.72
C HIS A 260 -1.98 8.99 -3.07
N LEU A 261 -1.09 9.36 -2.16
CA LEU A 261 0.34 9.30 -2.42
C LEU A 261 1.02 8.29 -1.50
N SER A 262 2.06 7.65 -2.01
CA SER A 262 2.83 6.70 -1.22
C SER A 262 4.27 6.69 -1.74
N MET A 263 5.19 6.30 -0.86
CA MET A 263 6.62 6.40 -1.13
C MET A 263 7.22 5.10 -1.62
N VAL A 264 8.13 5.20 -2.60
CA VAL A 264 9.03 4.11 -2.99
C VAL A 264 10.25 4.17 -2.09
N LEU A 265 10.48 3.09 -1.34
CA LEU A 265 11.50 3.08 -0.29
C LEU A 265 12.63 2.12 -0.60
N GLU A 266 12.76 1.63 -1.85
CA GLU A 266 13.92 0.84 -2.26
C GLU A 266 14.12 0.94 -3.77
N GLY A 267 15.31 0.50 -4.20
CA GLY A 267 15.62 0.44 -5.62
C GLY A 267 16.06 1.78 -6.16
N GLU A 268 16.37 1.77 -7.47
CA GLU A 268 16.80 3.01 -8.12
C GLU A 268 15.74 4.11 -8.05
N LYS A 269 14.48 3.76 -7.88
CA LYS A 269 13.44 4.77 -7.75
C LYS A 269 13.16 5.14 -6.29
N LEU A 270 14.12 4.94 -5.39
CA LEU A 270 14.02 5.41 -4.01
C LEU A 270 13.58 6.88 -3.96
N GLY A 271 12.53 7.17 -3.21
CA GLY A 271 12.06 8.53 -3.05
C GLY A 271 11.03 9.00 -4.06
N MET A 272 10.64 8.16 -5.02
CA MET A 272 9.58 8.51 -5.95
C MET A 272 8.22 8.48 -5.25
N SER A 273 7.35 9.45 -5.60
CA SER A 273 5.98 9.46 -5.09
C SER A 273 5.07 8.70 -6.07
N LEU A 274 4.47 7.60 -5.60
CA LEU A 274 3.44 6.91 -6.34
C LEU A 274 2.11 7.64 -6.18
N ALA A 275 1.36 7.74 -7.27
CA ALA A 275 0.09 8.47 -7.27
C ALA A 275 -1.05 7.55 -7.68
N GLU A 276 -2.15 7.62 -6.93
CA GLU A 276 -3.36 6.87 -7.22
C GLU A 276 -4.59 7.74 -6.96
N PRO A 277 -5.50 7.89 -7.94
CA PRO A 277 -6.69 8.73 -7.71
C PRO A 277 -7.52 8.25 -6.51
N ASP A 278 -7.75 9.16 -5.57
CA ASP A 278 -8.50 8.82 -4.37
C ASP A 278 -9.08 10.10 -3.80
N GLU A 279 -10.40 10.13 -3.62
CA GLU A 279 -11.08 11.34 -3.20
C GLU A 279 -10.78 11.71 -1.76
N LYS A 280 -10.10 10.87 -1.00
CA LYS A 280 -9.69 11.19 0.36
C LYS A 280 -8.16 11.27 0.48
N GLY A 281 -7.44 11.29 -0.63
CA GLY A 281 -6.00 11.48 -0.65
C GLY A 281 -5.61 12.94 -0.57
N CYS A 282 -4.40 13.25 -1.06
CA CYS A 282 -3.88 14.61 -1.05
C CYS A 282 -4.48 15.45 -2.17
N LEU A 283 -4.56 16.77 -1.93
CA LEU A 283 -4.87 17.73 -2.99
C LEU A 283 -3.56 18.05 -3.71
N VAL A 284 -3.30 17.35 -4.80
CA VAL A 284 -2.07 17.55 -5.56
C VAL A 284 -2.33 18.67 -6.56
N VAL A 285 -1.88 19.88 -6.22
CA VAL A 285 -2.09 21.03 -7.09
C VAL A 285 -1.41 20.78 -8.42
N LYS A 286 -2.15 20.94 -9.52
CA LYS A 286 -1.63 20.69 -10.85
C LYS A 286 -1.33 21.95 -11.64
N GLU A 287 -2.04 23.03 -11.37
CA GLU A 287 -1.79 24.29 -12.05
C GLU A 287 -2.15 25.44 -11.13
N CYS A 288 -1.23 26.38 -10.98
CA CYS A 288 -1.49 27.62 -10.24
C CYS A 288 -1.82 28.76 -11.19
N ASP A 289 -2.53 29.76 -10.65
CA ASP A 289 -2.75 31.05 -11.28
C ASP A 289 -1.43 31.82 -11.28
N ALA A 290 -0.71 31.79 -12.40
CA ALA A 290 0.64 32.35 -12.42
C ALA A 290 0.64 33.87 -12.33
N GLU A 291 -0.43 34.53 -12.77
CA GLU A 291 -0.42 35.98 -12.74
C GLU A 291 -0.63 36.50 -11.33
N LEU A 292 -1.59 35.93 -10.60
CA LEU A 292 -1.70 36.23 -9.18
C LEU A 292 -0.42 35.89 -8.44
N PHE A 293 0.30 34.83 -8.87
CA PHE A 293 1.58 34.49 -8.27
C PHE A 293 2.61 35.60 -8.46
N VAL A 294 2.80 36.05 -9.71
CA VAL A 294 3.77 37.12 -9.95
C VAL A 294 3.30 38.44 -9.31
N LYS A 295 1.99 38.68 -9.26
CA LYS A 295 1.50 39.90 -8.65
C LYS A 295 1.96 40.00 -7.20
N ILE A 296 1.63 39.00 -6.37
CA ILE A 296 1.97 39.10 -4.95
C ILE A 296 3.47 39.15 -4.74
N LEU A 297 4.26 38.57 -5.67
CA LEU A 297 5.71 38.63 -5.55
C LEU A 297 6.23 40.03 -5.88
N ARG A 298 5.61 40.69 -6.85
CA ARG A 298 5.96 42.07 -7.13
C ARG A 298 5.52 42.99 -5.99
N GLU A 299 4.34 42.73 -5.44
CA GLU A 299 3.83 43.63 -4.41
C GLU A 299 4.69 43.58 -3.15
N LEU A 300 5.12 42.38 -2.75
CA LEU A 300 6.02 42.30 -1.61
C LEU A 300 7.35 42.99 -1.89
N GLN A 301 7.73 43.13 -3.16
CA GLN A 301 8.94 43.87 -3.49
C GLN A 301 8.70 45.36 -3.70
N ASP A 302 7.46 45.83 -3.54
CA ASP A 302 7.14 47.22 -3.88
C ASP A 302 7.75 48.17 -2.87
N HIS A 303 8.27 49.29 -3.38
CA HIS A 303 8.72 50.37 -2.50
C HIS A 303 7.57 50.92 -1.68
N GLN A 304 6.53 51.39 -2.37
CA GLN A 304 5.38 52.09 -1.78
C GLN A 304 5.81 53.30 -0.93
N MET B 1 25.12 -0.43 39.74
CA MET B 1 24.82 -0.22 38.32
C MET B 1 23.49 0.47 38.06
N LYS B 2 23.55 1.68 37.50
CA LYS B 2 22.36 2.42 37.15
C LYS B 2 21.84 1.96 35.79
N LEU B 3 20.54 1.62 35.71
CA LEU B 3 20.00 0.90 34.58
C LEU B 3 18.65 1.46 34.14
N TRP B 4 18.58 1.81 32.85
CA TRP B 4 17.33 2.11 32.16
C TRP B 4 16.88 0.88 31.38
N ILE B 5 15.58 0.62 31.38
CA ILE B 5 15.00 -0.50 30.65
C ILE B 5 14.00 0.05 29.64
N ASP B 6 14.08 -0.43 28.41
CA ASP B 6 13.12 -0.13 27.38
C ASP B 6 12.46 -1.45 26.98
N THR B 7 11.14 -1.49 27.02
CA THR B 7 10.45 -2.78 26.93
C THR B 7 9.13 -2.69 26.18
N ASP B 8 8.71 -3.81 25.68
CA ASP B 8 7.45 -4.01 25.06
C ASP B 8 6.79 -5.13 25.85
N CYS B 9 6.78 -4.96 27.17
CA CYS B 9 6.30 -5.91 28.14
C CYS B 9 5.21 -6.80 27.79
N GLY B 10 5.79 -7.88 27.38
CA GLY B 10 5.37 -9.18 27.02
C GLY B 10 5.92 -10.09 28.13
N ILE B 11 5.85 -11.37 27.86
CA ILE B 11 6.04 -12.37 28.91
C ILE B 11 7.50 -12.44 29.34
N ASP B 12 8.42 -12.52 28.38
CA ASP B 12 9.82 -12.65 28.77
C ASP B 12 10.41 -11.32 29.21
N ASP B 13 9.95 -10.20 28.67
CA ASP B 13 10.29 -8.89 29.26
C ASP B 13 10.03 -8.88 30.75
N ALA B 14 8.85 -9.36 31.17
CA ALA B 14 8.45 -9.26 32.57
C ALA B 14 9.40 -10.05 33.46
N THR B 15 9.70 -11.29 33.07
CA THR B 15 10.73 -12.04 33.77
C THR B 15 12.06 -11.31 33.74
N ALA B 16 12.36 -10.64 32.62
CA ALA B 16 13.64 -9.96 32.51
C ALA B 16 13.70 -8.79 33.46
N ILE B 17 12.57 -8.11 33.64
CA ILE B 17 12.50 -7.04 34.60
C ILE B 17 12.68 -7.59 36.01
N LEU B 18 12.06 -8.75 36.28
CA LEU B 18 12.20 -9.40 37.58
C LEU B 18 13.65 -9.69 37.90
N ILE B 19 14.45 -10.07 36.89
CA ILE B 19 15.87 -10.34 37.10
C ILE B 19 16.58 -9.08 37.58
N CYS B 20 16.25 -7.93 36.99
CA CYS B 20 16.85 -6.68 37.41
C CYS B 20 16.37 -6.26 38.80
N LEU B 21 15.13 -6.59 39.15
CA LEU B 21 14.62 -6.25 40.48
C LEU B 21 15.29 -7.10 41.55
N ALA B 22 15.49 -8.40 41.27
CA ALA B 22 16.03 -9.34 42.24
C ALA B 22 17.48 -9.06 42.63
N ASN B 23 18.25 -8.34 41.82
CA ASN B 23 19.67 -8.16 42.13
C ASN B 23 19.90 -6.82 42.80
N PRO B 24 20.30 -6.80 44.06
CA PRO B 24 20.30 -5.54 44.84
C PRO B 24 21.35 -4.53 44.41
N SER B 25 22.22 -4.87 43.47
CA SER B 25 23.22 -3.94 42.97
C SER B 25 22.76 -3.12 41.77
N ILE B 26 21.58 -3.40 41.22
CA ILE B 26 21.03 -2.64 40.10
C ILE B 26 20.02 -1.65 40.63
N GLU B 27 20.16 -0.39 40.24
CA GLU B 27 19.10 0.60 40.45
C GLU B 27 18.43 0.84 39.11
N ILE B 28 17.17 0.45 39.00
CA ILE B 28 16.37 0.76 37.81
C ILE B 28 15.91 2.20 37.93
N VAL B 29 16.40 3.04 37.01
CA VAL B 29 16.15 4.48 37.09
C VAL B 29 14.91 4.87 36.31
N GLY B 30 14.36 3.96 35.51
CA GLY B 30 13.22 4.24 34.65
C GLY B 30 12.97 3.09 33.70
N ILE B 31 11.72 2.97 33.26
CA ILE B 31 11.33 1.99 32.26
C ILE B 31 10.48 2.69 31.21
N SER B 32 10.95 2.67 29.97
CA SER B 32 10.18 3.20 28.86
C SER B 32 9.44 2.06 28.17
N CYS B 33 8.26 2.37 27.65
CA CYS B 33 7.41 1.40 26.98
C CYS B 33 7.25 1.74 25.51
N ILE B 34 7.14 0.70 24.70
CA ILE B 34 6.96 0.81 23.26
C ILE B 34 6.04 -0.32 22.84
N GLY B 35 5.18 -0.12 21.85
CA GLY B 35 4.31 -1.19 21.39
C GLY B 35 4.96 -2.20 20.47
N GLY B 36 5.29 -3.38 20.99
CA GLY B 36 5.91 -4.45 20.21
C GLY B 36 5.02 -5.69 20.28
N ASN B 37 5.34 -6.59 21.21
CA ASN B 37 4.55 -7.79 21.49
C ASN B 37 3.07 -7.46 21.53
N ALA B 38 2.74 -6.26 22.02
CA ALA B 38 1.38 -5.82 22.21
C ALA B 38 1.38 -4.30 22.12
N SER B 39 0.19 -3.72 22.21
CA SER B 39 0.01 -2.28 22.11
C SER B 39 0.66 -1.55 23.29
N LEU B 40 0.98 -0.28 23.04
CA LEU B 40 1.66 0.52 24.06
C LEU B 40 0.86 0.57 25.36
N GLN B 41 -0.47 0.69 25.27
CA GLN B 41 -1.32 0.72 26.46
C GLN B 41 -1.22 -0.58 27.25
N ASN B 42 -1.16 -1.74 26.56
CA ASN B 42 -0.98 -3.00 27.26
C ASN B 42 0.40 -3.10 27.89
N VAL B 43 1.44 -2.68 27.17
CA VAL B 43 2.79 -2.73 27.71
C VAL B 43 2.86 -1.97 29.03
N ILE B 44 2.24 -0.79 29.09
CA ILE B 44 2.26 0.02 30.30
C ILE B 44 1.58 -0.70 31.45
N ARG B 45 0.41 -1.29 31.19
CA ARG B 45 -0.26 -2.10 32.22
C ARG B 45 0.59 -3.28 32.65
N ASN B 46 1.34 -3.90 31.74
CA ASN B 46 2.05 -5.13 32.09
C ASN B 46 3.31 -4.83 32.87
N VAL B 47 3.96 -3.71 32.56
CA VAL B 47 5.07 -3.27 33.39
C VAL B 47 4.57 -3.01 34.81
N ASN B 48 3.41 -2.34 34.93
CA ASN B 48 2.81 -2.08 36.24
C ASN B 48 2.54 -3.40 36.98
N ARG B 49 1.92 -4.36 36.31
CA ARG B 49 1.70 -5.68 36.92
C ARG B 49 3.01 -6.24 37.46
N THR B 50 4.06 -6.18 36.64
CA THR B 50 5.35 -6.78 37.03
C THR B 50 5.91 -6.10 38.28
N LEU B 51 5.81 -4.77 38.37
CA LEU B 51 6.38 -4.09 39.52
C LEU B 51 5.56 -4.37 40.79
N LYS B 52 4.23 -4.41 40.66
CA LYS B 52 3.39 -4.66 41.82
C LYS B 52 3.61 -6.07 42.36
N VAL B 53 3.67 -7.08 41.49
CA VAL B 53 3.94 -8.44 41.93
C VAL B 53 5.25 -8.49 42.70
N TRP B 54 6.29 -7.79 42.22
CA TRP B 54 7.56 -7.77 42.92
C TRP B 54 7.46 -6.97 44.22
N GLY B 55 6.82 -5.80 44.18
CA GLY B 55 6.64 -4.98 45.37
C GLY B 55 7.45 -3.70 45.39
N LYS B 56 7.69 -3.12 44.23
CA LYS B 56 8.50 -1.91 44.13
C LYS B 56 7.89 -1.02 43.07
N THR B 57 7.13 -0.01 43.51
CA THR B 57 6.53 0.97 42.63
C THR B 57 7.35 2.26 42.55
N ASP B 58 8.57 2.24 43.06
CA ASP B 58 9.42 3.43 43.10
C ASP B 58 10.13 3.69 41.79
N ILE B 59 9.77 2.99 40.72
CA ILE B 59 10.42 3.10 39.42
C ILE B 59 9.47 3.84 38.48
N PRO B 60 9.85 5.00 37.96
CA PRO B 60 8.96 5.69 37.01
C PRO B 60 8.79 4.90 35.71
N ILE B 61 7.57 4.92 35.20
CA ILE B 61 7.20 4.27 33.95
C ILE B 61 6.82 5.35 32.95
N PHE B 62 7.43 5.31 31.75
CA PHE B 62 7.13 6.30 30.73
C PHE B 62 6.59 5.63 29.48
N GLY B 63 5.62 6.30 28.85
CA GLY B 63 5.10 5.86 27.57
C GLY B 63 5.91 6.43 26.42
N GLY B 64 6.15 5.59 25.42
CA GLY B 64 6.89 6.01 24.26
C GLY B 64 6.01 6.13 23.03
N CYS B 65 6.54 5.67 21.89
CA CYS B 65 5.89 5.85 20.60
C CYS B 65 4.72 4.88 20.43
N GLN B 66 3.73 5.31 19.64
CA GLN B 66 2.51 4.56 19.38
C GLN B 66 2.66 3.49 18.31
N ALA B 67 3.82 3.39 17.63
CA ALA B 67 3.94 2.48 16.51
C ALA B 67 5.40 2.34 16.12
N PRO B 68 5.77 1.41 15.24
CA PRO B 68 7.12 1.45 14.66
C PRO B 68 7.24 2.67 13.76
N LEU B 69 8.49 3.00 13.40
CA LEU B 69 8.73 4.21 12.61
C LEU B 69 8.00 4.16 11.26
N VAL B 70 8.29 3.15 10.45
CA VAL B 70 7.70 3.04 9.13
C VAL B 70 6.78 1.83 9.03
N GLN B 71 7.24 0.68 9.52
CA GLN B 71 6.54 -0.58 9.27
C GLN B 71 5.27 -0.69 10.10
N PRO B 72 4.37 -1.61 9.73
CA PRO B 72 3.15 -1.84 10.52
C PRO B 72 3.40 -2.57 11.84
N LYS B 73 2.34 -2.74 12.65
CA LYS B 73 2.49 -2.94 14.10
C LYS B 73 3.04 -4.33 14.48
N MET B 74 2.63 -5.39 13.77
CA MET B 74 3.12 -6.76 14.04
C MET B 74 2.96 -7.23 15.50
N GLU B 75 1.79 -7.01 16.09
CA GLU B 75 1.54 -7.52 17.44
C GLU B 75 1.30 -9.04 17.42
N ILE B 76 1.65 -9.71 18.51
CA ILE B 76 1.58 -11.18 18.48
C ILE B 76 0.66 -11.75 19.54
N PRO B 77 -0.66 -11.53 19.47
CA PRO B 77 -1.55 -12.05 20.53
C PRO B 77 -1.61 -13.57 20.57
N HIS B 78 -1.25 -14.24 19.48
CA HIS B 78 -1.29 -15.70 19.46
C HIS B 78 -0.14 -16.32 20.25
N ILE B 79 0.79 -15.50 20.72
CA ILE B 79 2.01 -15.97 21.38
C ILE B 79 2.13 -15.45 22.79
N HIS B 80 1.78 -14.18 23.00
CA HIS B 80 1.82 -13.56 24.32
C HIS B 80 0.42 -13.30 24.88
N GLY B 81 -0.64 -13.79 24.23
CA GLY B 81 -1.99 -13.56 24.68
C GLY B 81 -2.53 -12.22 24.22
N GLY B 82 -3.84 -12.04 24.39
CA GLY B 82 -4.49 -10.82 23.94
C GLY B 82 -3.98 -9.57 24.64
N ASP B 83 -3.64 -9.69 25.93
CA ASP B 83 -3.17 -8.51 26.66
C ASP B 83 -1.66 -8.38 26.64
N GLY B 84 -0.97 -9.30 25.97
CA GLY B 84 0.46 -9.27 25.86
C GLY B 84 1.21 -9.78 27.06
N LEU B 85 0.53 -10.18 28.13
CA LEU B 85 1.16 -10.81 29.28
C LEU B 85 0.45 -12.13 29.65
N GLY B 86 -0.04 -12.84 28.63
CA GLY B 86 -0.64 -14.14 28.86
C GLY B 86 -2.02 -14.11 29.46
N ASP B 87 -2.72 -12.97 29.39
CA ASP B 87 -4.11 -12.88 29.83
C ASP B 87 -4.30 -13.34 31.28
N ILE B 88 -3.39 -12.93 32.15
CA ILE B 88 -3.56 -13.30 33.54
C ILE B 88 -4.68 -12.46 34.17
N ASN B 89 -5.19 -12.95 35.29
CA ASN B 89 -6.29 -12.31 36.02
C ASN B 89 -5.69 -11.42 37.11
N ASP B 90 -5.88 -10.09 36.98
CA ASP B 90 -5.35 -9.17 37.98
C ASP B 90 -5.97 -9.39 39.36
N ASN B 91 -7.19 -9.93 39.40
CA ASN B 91 -7.83 -10.21 40.68
C ASN B 91 -7.12 -11.33 41.40
N ASP B 92 -6.47 -12.24 40.67
CA ASP B 92 -5.67 -13.30 41.28
C ASP B 92 -4.35 -12.80 41.83
N PHE B 93 -3.85 -11.66 41.34
CA PHE B 93 -2.54 -11.17 41.77
C PHE B 93 -2.60 -9.89 42.57
N GLY B 94 -3.79 -9.36 42.85
CA GLY B 94 -3.88 -8.09 43.55
C GLY B 94 -3.35 -6.92 42.76
N THR B 95 -3.31 -7.02 41.43
CA THR B 95 -2.77 -5.96 40.60
C THR B 95 -3.89 -5.21 39.88
N ASN B 96 -5.11 -5.34 40.38
CA ASN B 96 -6.25 -4.57 39.85
C ASN B 96 -6.37 -3.25 40.63
N THR B 97 -5.43 -2.37 40.36
CA THR B 97 -5.29 -1.06 40.98
C THR B 97 -4.80 -0.07 39.95
N PRO B 98 -4.98 1.23 40.17
CA PRO B 98 -4.49 2.23 39.21
C PRO B 98 -3.07 1.97 38.76
N ASN B 99 -2.84 2.27 37.48
CA ASN B 99 -1.56 2.11 36.82
C ASN B 99 -0.76 3.39 36.90
N LYS B 100 0.55 3.24 36.91
CA LYS B 100 1.47 4.36 37.08
C LYS B 100 2.03 4.74 35.71
N LEU B 101 1.98 6.04 35.38
CA LEU B 101 2.46 6.52 34.09
C LEU B 101 2.88 7.98 34.25
N GLU B 102 4.18 8.23 34.11
CA GLU B 102 4.64 9.61 34.17
C GLU B 102 4.08 10.38 32.98
N LYS B 103 4.11 11.71 33.11
CA LYS B 103 3.55 12.64 32.13
C LYS B 103 4.52 12.90 30.98
N GLU B 104 5.82 12.87 31.23
CA GLU B 104 6.81 13.09 30.19
C GLU B 104 6.90 11.90 29.24
N HIS B 105 7.14 12.21 27.96
CA HIS B 105 7.34 11.18 26.95
C HIS B 105 8.62 10.41 27.23
N ALA B 106 8.59 9.10 26.97
CA ALA B 106 9.76 8.26 27.21
C ALA B 106 11.00 8.81 26.52
N VAL B 107 10.85 9.34 25.31
CA VAL B 107 11.98 9.87 24.57
C VAL B 107 12.61 11.02 25.33
N ASN B 108 11.79 12.00 25.71
CA ASN B 108 12.31 13.13 26.48
C ASN B 108 12.88 12.67 27.82
N ALA B 109 12.22 11.71 28.47
CA ALA B 109 12.68 11.26 29.78
C ALA B 109 14.01 10.52 29.66
N LEU B 110 14.18 9.76 28.58
CA LEU B 110 15.45 9.08 28.35
C LEU B 110 16.57 10.08 28.09
N ILE B 111 16.30 11.10 27.30
CA ILE B 111 17.32 12.10 27.02
C ILE B 111 17.74 12.82 28.29
N HIS B 112 16.76 13.18 29.12
CA HIS B 112 17.07 13.81 30.39
C HIS B 112 17.82 12.87 31.30
N ALA B 113 17.48 11.58 31.27
CA ALA B 113 18.22 10.60 32.07
C ALA B 113 19.67 10.49 31.58
N ALA B 114 19.88 10.43 30.26
CA ALA B 114 21.23 10.36 29.71
C ALA B 114 22.04 11.60 30.07
N ASN B 115 21.37 12.74 30.23
CA ASN B 115 22.01 14.02 30.49
C ASN B 115 22.23 14.31 31.96
N THR B 116 21.72 13.48 32.87
CA THR B 116 21.75 13.82 34.28
C THR B 116 22.10 12.66 35.20
N ILE B 117 22.29 11.45 34.67
CA ILE B 117 22.65 10.29 35.48
C ILE B 117 24.02 9.82 35.02
N GLU B 118 25.00 9.89 35.92
CA GLU B 118 26.32 9.39 35.63
C GLU B 118 26.29 7.87 35.58
N ASP B 119 27.00 7.28 34.62
CA ASP B 119 27.13 5.84 34.51
C ASP B 119 25.80 5.16 34.16
N LEU B 120 24.94 5.85 33.41
CA LEU B 120 23.67 5.26 32.98
C LEU B 120 23.88 4.15 31.96
N ASN B 121 23.26 3.00 32.20
CA ASN B 121 23.22 1.92 31.23
C ASN B 121 21.80 1.75 30.75
N ILE B 122 21.65 1.17 29.57
CA ILE B 122 20.34 0.92 29.00
C ILE B 122 20.26 -0.55 28.61
N LEU B 123 19.17 -1.21 29.04
CA LEU B 123 18.82 -2.54 28.59
C LEU B 123 17.58 -2.44 27.72
N CYS B 124 17.74 -2.81 26.46
CA CYS B 124 16.69 -2.63 25.45
C CYS B 124 16.08 -3.99 25.17
N LEU B 125 14.78 -4.13 25.43
CA LEU B 125 14.12 -5.42 25.29
C LEU B 125 13.10 -5.43 24.16
N ALA B 126 13.07 -4.39 23.33
CA ALA B 126 11.99 -4.21 22.37
C ALA B 126 12.48 -3.66 21.04
N PRO B 127 11.60 -3.54 20.04
CA PRO B 127 11.95 -2.72 18.88
C PRO B 127 12.51 -1.39 19.36
N LEU B 128 13.54 -0.93 18.67
CA LEU B 128 14.35 0.17 19.18
C LEU B 128 13.75 1.51 18.85
N THR B 129 12.46 1.51 18.50
CA THR B 129 11.77 2.72 18.08
C THR B 129 12.04 3.90 19.02
N ASN B 130 11.75 3.73 20.32
CA ASN B 130 11.98 4.82 21.27
C ASN B 130 13.43 5.27 21.22
N ILE B 131 14.36 4.32 21.18
CA ILE B 131 15.77 4.67 21.28
C ILE B 131 16.22 5.40 20.02
N ALA B 132 15.76 4.95 18.86
CA ALA B 132 16.06 5.63 17.60
C ALA B 132 15.59 7.07 17.62
N ILE B 133 14.38 7.33 18.09
CA ILE B 133 13.89 8.71 18.15
C ILE B 133 14.79 9.54 19.05
N ALA B 134 15.18 8.99 20.21
CA ALA B 134 16.05 9.74 21.12
C ALA B 134 17.41 9.99 20.51
N LEU B 135 17.91 9.07 19.67
CA LEU B 135 19.21 9.29 19.06
C LEU B 135 19.14 10.36 17.98
N SER B 136 17.97 10.55 17.39
CA SER B 136 17.80 11.53 16.33
C SER B 136 17.65 12.94 16.89
N MET B 137 16.96 13.08 18.01
CA MET B 137 16.69 14.39 18.57
C MET B 137 17.81 14.92 19.44
N ALA B 138 18.60 14.03 20.02
CA ALA B 138 19.59 14.44 21.00
C ALA B 138 20.72 13.42 21.06
N PRO B 139 21.42 13.18 19.96
CA PRO B 139 22.47 12.16 19.99
C PRO B 139 23.58 12.47 20.97
N GLU B 140 23.90 13.75 21.14
CA GLU B 140 24.86 14.14 22.17
C GLU B 140 24.42 13.65 23.55
N ALA B 141 23.12 13.64 23.81
CA ALA B 141 22.61 13.13 25.07
C ALA B 141 22.74 11.61 25.16
N ILE B 142 22.18 10.89 24.18
CA ILE B 142 22.17 9.43 24.26
C ILE B 142 23.59 8.91 24.22
N LEU B 143 24.50 9.62 23.56
CA LEU B 143 25.86 9.14 23.48
C LEU B 143 26.56 9.21 24.83
N LYS B 144 26.04 10.02 25.77
CA LYS B 144 26.58 10.03 27.13
C LYS B 144 26.40 8.69 27.82
N ILE B 145 25.44 7.86 27.38
CA ILE B 145 25.11 6.62 28.06
C ILE B 145 26.27 5.64 27.94
N LYS B 146 26.62 5.00 29.06
CA LYS B 146 27.87 4.26 29.14
C LYS B 146 27.84 3.02 28.25
N HIS B 147 26.70 2.33 28.19
CA HIS B 147 26.69 1.04 27.52
C HIS B 147 25.26 0.67 27.15
N PHE B 148 25.10 0.08 25.97
CA PHE B 148 23.85 -0.48 25.51
C PHE B 148 23.89 -2.00 25.63
N TYR B 149 22.87 -2.57 26.28
CA TYR B 149 22.61 -4.00 26.20
C TYR B 149 21.30 -4.17 25.44
N ILE B 150 21.35 -4.90 24.33
CA ILE B 150 20.24 -4.99 23.38
C ILE B 150 19.91 -6.46 23.15
N MET B 151 18.63 -6.81 23.32
CA MET B 151 18.10 -8.08 22.85
C MET B 151 17.51 -7.86 21.47
N GLY B 152 18.11 -8.47 20.46
CA GLY B 152 17.66 -8.31 19.10
C GLY B 152 18.67 -8.90 18.16
N GLY B 153 18.26 -9.00 16.90
CA GLY B 153 19.14 -9.46 15.86
C GLY B 153 19.30 -10.97 15.85
N ALA B 154 19.80 -11.46 14.71
CA ALA B 154 19.95 -12.90 14.48
C ALA B 154 21.17 -13.11 13.59
N GLU B 155 22.25 -13.64 14.15
CA GLU B 155 23.49 -13.82 13.39
C GLU B 155 23.69 -15.30 13.11
N ASN B 156 24.74 -15.59 12.36
CA ASN B 156 25.04 -16.95 11.94
C ASN B 156 25.10 -17.90 13.13
N GLY B 157 24.42 -19.04 13.00
CA GLY B 157 24.31 -20.00 14.07
C GLY B 157 25.37 -21.10 13.98
N LYS B 158 25.06 -22.25 14.54
CA LYS B 158 25.96 -23.37 14.48
C LYS B 158 25.67 -24.13 13.20
N GLY B 159 26.45 -23.86 12.17
CA GLY B 159 26.26 -24.49 10.90
C GLY B 159 26.01 -23.51 9.81
N ASN B 160 26.33 -22.26 10.10
CA ASN B 160 26.21 -21.15 9.19
C ASN B 160 24.80 -20.83 8.73
N ILE B 161 23.84 -21.29 9.51
CA ILE B 161 22.45 -20.93 9.29
C ILE B 161 22.04 -19.98 10.40
N THR B 162 21.30 -18.94 10.02
CA THR B 162 20.68 -18.02 10.97
C THR B 162 19.24 -18.47 11.25
N PRO B 163 18.84 -18.62 12.50
CA PRO B 163 17.51 -19.17 12.79
C PRO B 163 16.39 -18.19 12.44
N TYR B 164 15.17 -18.71 12.40
CA TYR B 164 14.10 -18.09 11.64
C TYR B 164 13.41 -16.90 12.32
N GLY B 165 13.16 -16.96 13.63
CA GLY B 165 12.16 -16.03 14.16
C GLY B 165 12.57 -14.77 14.91
N GLU B 166 13.54 -14.02 14.41
CA GLU B 166 13.90 -12.77 15.10
C GLU B 166 12.73 -11.78 15.03
N PHE B 167 12.48 -11.10 16.16
CA PHE B 167 11.33 -10.22 16.30
C PHE B 167 11.68 -8.74 16.36
N ASN B 168 12.63 -8.35 17.21
CA ASN B 168 12.73 -6.95 17.61
C ASN B 168 13.20 -6.06 16.46
N TRP B 169 14.24 -6.50 15.75
CA TRP B 169 14.80 -5.67 14.70
C TRP B 169 13.99 -5.79 13.43
N ARG B 170 13.52 -7.01 13.15
CA ARG B 170 12.53 -7.20 12.09
C ARG B 170 11.34 -6.25 12.26
N ALA B 171 10.93 -5.99 13.51
CA ALA B 171 9.70 -5.23 13.76
C ALA B 171 9.86 -3.76 13.46
N ASP B 172 11.09 -3.24 13.56
CA ASP B 172 11.39 -1.84 13.24
C ASP B 172 12.80 -1.77 12.71
N PRO B 173 13.03 -2.21 11.48
CA PRO B 173 14.41 -2.29 10.97
C PRO B 173 15.07 -0.94 10.83
N GLU B 174 14.28 0.13 10.63
CA GLU B 174 14.84 1.47 10.53
C GLU B 174 15.34 1.96 11.88
N ALA B 175 14.59 1.70 12.95
CA ALA B 175 15.04 2.06 14.28
C ALA B 175 16.34 1.33 14.64
N ALA B 176 16.39 0.02 14.41
CA ALA B 176 17.63 -0.71 14.72
C ALA B 176 18.81 -0.12 13.95
N GLN B 177 18.62 0.13 12.66
CA GLN B 177 19.69 0.74 11.87
C GLN B 177 20.16 2.04 12.49
N ILE B 178 19.23 2.91 12.92
CA ILE B 178 19.63 4.19 13.52
C ILE B 178 20.45 3.95 14.78
N VAL B 179 20.06 2.99 15.61
CA VAL B 179 20.83 2.72 16.81
C VAL B 179 22.22 2.19 16.43
N LEU B 180 22.26 1.25 15.49
CA LEU B 180 23.52 0.63 15.06
C LEU B 180 24.49 1.62 14.40
N GLN B 181 23.99 2.64 13.72
CA GLN B 181 24.85 3.61 13.06
C GLN B 181 25.10 4.87 13.90
N THR B 182 24.33 5.10 14.95
CA THR B 182 24.56 6.27 15.78
C THR B 182 25.16 5.96 17.14
N TYR B 183 24.73 4.87 17.81
CA TYR B 183 25.41 4.65 19.09
C TYR B 183 26.61 3.71 18.88
N PRO B 184 27.75 3.99 19.49
CA PRO B 184 28.96 3.23 19.17
C PRO B 184 28.78 1.74 19.46
N GLN B 185 28.94 0.93 18.41
CA GLN B 185 28.77 -0.51 18.56
C GLN B 185 29.77 -1.10 19.55
N TYR B 186 30.91 -0.45 19.77
CA TYR B 186 31.88 -1.01 20.69
C TYR B 186 31.38 -1.00 22.12
N GLN B 187 30.60 0.00 22.49
CA GLN B 187 29.92 0.04 23.77
C GLN B 187 28.55 -0.62 23.74
N THR B 188 28.33 -1.53 22.79
CA THR B 188 27.07 -2.23 22.64
C THR B 188 27.30 -3.72 22.85
N THR B 189 26.46 -4.35 23.68
CA THR B 189 26.45 -5.80 23.85
C THR B 189 25.12 -6.35 23.36
N ILE B 190 25.15 -7.49 22.69
CA ILE B 190 23.99 -8.06 22.00
C ILE B 190 23.63 -9.43 22.58
N ALA B 191 22.38 -9.58 23.02
CA ALA B 191 21.80 -10.88 23.35
C ALA B 191 20.82 -11.20 22.23
N SER B 192 21.26 -12.05 21.32
CA SER B 192 20.64 -12.17 20.02
C SER B 192 19.59 -13.28 20.03
N TRP B 193 18.74 -13.25 19.00
CA TRP B 193 17.79 -14.33 18.83
C TRP B 193 18.50 -15.65 18.59
N THR B 194 19.69 -15.62 17.99
CA THR B 194 20.50 -16.83 17.86
C THR B 194 20.85 -17.41 19.22
N LEU B 195 21.34 -16.56 20.11
CA LEU B 195 21.61 -16.97 21.48
C LEU B 195 20.39 -17.68 22.09
N ALA B 196 19.23 -17.02 22.06
CA ALA B 196 18.05 -17.57 22.74
C ALA B 196 17.66 -18.92 22.15
N VAL B 197 17.76 -19.05 20.84
CA VAL B 197 17.36 -20.29 20.17
C VAL B 197 18.27 -21.44 20.63
N PHE B 198 19.54 -21.15 20.88
CA PHE B 198 20.52 -22.17 21.24
C PHE B 198 20.68 -22.33 22.75
N ASN B 199 19.85 -21.64 23.54
CA ASN B 199 19.77 -21.79 24.99
C ASN B 199 18.31 -21.98 25.40
N SER B 200 17.60 -22.83 24.66
CA SER B 200 16.21 -23.12 24.95
C SER B 200 16.11 -24.38 25.80
N PHE B 201 15.07 -24.42 26.62
CA PHE B 201 14.85 -25.48 27.61
C PHE B 201 13.57 -26.22 27.30
N ASN B 202 13.67 -27.54 27.19
CA ASN B 202 12.48 -28.39 27.18
C ASN B 202 11.75 -28.24 28.52
N ALA B 203 10.53 -27.70 28.47
CA ALA B 203 9.79 -27.40 29.69
C ALA B 203 9.49 -28.64 30.50
N ASN B 204 9.44 -29.80 29.85
CA ASN B 204 9.23 -31.04 30.58
C ASN B 204 10.44 -31.39 31.44
N ASP B 205 11.64 -31.00 31.01
CA ASP B 205 12.86 -31.32 31.75
C ASP B 205 13.21 -30.27 32.79
N TYR B 206 12.72 -29.05 32.64
CA TYR B 206 13.07 -27.96 33.54
C TYR B 206 11.78 -27.34 34.07
N ASP B 207 11.70 -27.22 35.39
CA ASP B 207 10.45 -26.83 36.03
C ASP B 207 10.47 -25.38 36.51
N PHE B 208 11.54 -24.63 36.22
CA PHE B 208 11.72 -23.35 36.90
C PHE B 208 10.72 -22.27 36.46
N PHE B 209 9.92 -22.53 35.43
CA PHE B 209 8.81 -21.65 35.05
C PHE B 209 7.48 -22.32 35.34
N ASN B 210 7.49 -23.22 36.32
CA ASN B 210 6.33 -24.04 36.67
C ASN B 210 6.31 -24.33 38.17
N LEU B 211 6.81 -23.40 38.97
CA LEU B 211 6.79 -23.50 40.41
C LEU B 211 5.50 -22.92 40.99
N ASP B 212 5.36 -23.01 42.31
CA ASP B 212 4.21 -22.43 43.00
C ASP B 212 4.60 -22.17 44.45
N GLY B 213 3.69 -21.51 45.17
CA GLY B 213 3.87 -21.27 46.59
C GLY B 213 4.13 -19.83 46.97
N ASN B 214 4.39 -18.95 46.01
CA ASN B 214 4.39 -17.53 46.32
C ASN B 214 3.92 -16.76 45.09
N LEU B 215 3.86 -15.44 45.23
CA LEU B 215 3.24 -14.62 44.19
C LEU B 215 4.10 -14.58 42.93
N VAL B 216 5.38 -14.29 43.10
CA VAL B 216 6.28 -14.22 41.96
C VAL B 216 6.25 -15.53 41.18
N ARG B 217 6.21 -16.66 41.88
CA ARG B 217 6.16 -17.96 41.21
C ARG B 217 4.83 -18.17 40.49
N ARG B 218 3.72 -17.73 41.12
CA ARG B 218 2.44 -17.75 40.42
C ARG B 218 2.50 -16.90 39.17
N PHE B 219 3.18 -15.75 39.25
CA PHE B 219 3.20 -14.79 38.15
C PHE B 219 4.00 -15.33 36.97
N ILE B 220 5.17 -15.91 37.25
CA ILE B 220 5.99 -16.51 36.22
C ILE B 220 5.26 -17.67 35.55
N ARG B 221 4.67 -18.56 36.36
CA ARG B 221 4.06 -19.77 35.83
C ARG B 221 2.89 -19.42 34.92
N GLU B 222 1.99 -18.55 35.38
CA GLU B 222 0.82 -18.18 34.59
C GLU B 222 1.22 -17.39 33.34
N THR B 223 2.16 -16.46 33.46
CA THR B 223 2.53 -15.66 32.30
C THR B 223 3.26 -16.49 31.24
N TRP B 224 4.01 -17.51 31.62
CA TRP B 224 4.77 -18.30 30.63
C TRP B 224 3.95 -19.42 29.99
N LYS B 225 2.78 -19.76 30.53
CA LYS B 225 1.92 -20.79 29.97
C LYS B 225 1.71 -20.65 28.45
N PRO B 226 1.20 -19.51 27.95
CA PRO B 226 0.85 -19.44 26.52
C PRO B 226 2.04 -19.55 25.59
N ILE B 227 3.15 -18.91 25.95
CA ILE B 227 4.29 -18.89 25.05
C ILE B 227 4.97 -20.27 25.04
N ILE B 228 5.05 -20.93 26.21
CA ILE B 228 5.58 -22.30 26.23
C ILE B 228 4.74 -23.20 25.36
N ALA B 229 3.41 -23.16 25.54
CA ALA B 229 2.55 -24.00 24.70
C ALA B 229 2.69 -23.65 23.22
N PHE B 230 2.86 -22.36 22.93
CA PHE B 230 3.00 -21.89 21.56
C PHE B 230 4.37 -22.23 20.99
N ASP B 231 5.29 -22.63 21.86
CA ASP B 231 6.64 -22.99 21.44
C ASP B 231 6.87 -24.49 21.47
N GLY B 232 5.78 -25.26 21.47
CA GLY B 232 5.87 -26.71 21.50
C GLY B 232 6.49 -27.28 22.75
N GLY B 233 6.25 -26.67 23.91
CA GLY B 233 6.78 -27.19 25.16
C GLY B 233 8.18 -26.74 25.47
N ARG B 234 8.62 -25.63 24.87
CA ARG B 234 10.01 -25.18 24.94
C ARG B 234 10.06 -23.77 25.49
N ILE B 235 11.03 -23.51 26.36
CA ILE B 235 11.24 -22.21 26.96
C ILE B 235 12.38 -21.56 26.20
N CYS B 236 12.12 -20.43 25.57
CA CYS B 236 13.12 -19.73 24.77
C CYS B 236 13.31 -18.35 25.38
N PRO B 237 14.30 -18.19 26.27
CA PRO B 237 14.29 -17.09 27.23
C PRO B 237 15.02 -15.83 26.76
N ALA B 238 14.59 -15.29 25.61
CA ALA B 238 15.32 -14.20 24.95
C ALA B 238 15.57 -13.00 25.87
N ASP B 239 14.53 -12.40 26.42
CA ASP B 239 14.75 -11.20 27.24
C ASP B 239 15.42 -11.51 28.58
N PRO B 240 15.06 -12.62 29.25
CA PRO B 240 15.83 -13.02 30.44
C PRO B 240 17.33 -13.15 30.18
N LEU B 241 17.72 -13.81 29.08
CA LEU B 241 19.14 -13.90 28.70
C LEU B 241 19.80 -12.52 28.60
N ALA B 242 19.13 -11.58 27.93
CA ALA B 242 19.66 -10.22 27.84
C ALA B 242 19.83 -9.59 29.22
N ALA B 243 18.79 -9.68 30.05
CA ALA B 243 18.88 -9.16 31.41
C ALA B 243 19.96 -9.91 32.19
N PHE B 244 20.02 -11.22 32.01
CA PHE B 244 21.11 -11.99 32.59
C PHE B 244 22.46 -11.38 32.23
N ILE B 245 22.68 -11.07 30.95
CA ILE B 245 23.98 -10.58 30.50
C ILE B 245 24.25 -9.18 31.03
N ALA B 246 23.25 -8.28 30.98
CA ALA B 246 23.50 -6.92 31.47
C ALA B 246 23.74 -6.90 32.98
N VAL B 247 23.15 -7.83 33.73
CA VAL B 247 23.23 -7.77 35.18
C VAL B 247 24.51 -8.43 35.67
N TYR B 248 24.78 -9.64 35.20
CA TYR B 248 25.84 -10.46 35.75
C TYR B 248 27.12 -10.43 34.93
N GLY B 249 27.16 -9.63 33.85
CA GLY B 249 28.40 -9.31 33.16
C GLY B 249 29.23 -10.49 32.74
N ASP B 250 30.52 -10.44 33.08
CA ASP B 250 31.49 -11.44 32.63
C ASP B 250 31.22 -12.81 33.20
N ARG B 251 30.48 -12.92 34.30
CA ARG B 251 30.08 -14.24 34.81
C ARG B 251 28.92 -14.81 34.03
N ALA B 252 28.15 -13.97 33.33
CA ALA B 252 27.07 -14.46 32.48
C ALA B 252 27.60 -15.04 31.17
N ILE B 253 28.68 -14.45 30.64
CA ILE B 253 29.11 -14.67 29.26
C ILE B 253 30.21 -15.73 29.24
N LYS B 254 29.94 -16.87 28.64
CA LYS B 254 31.01 -17.82 28.36
C LYS B 254 31.80 -17.39 27.12
N ARG B 255 31.20 -17.51 25.93
CA ARG B 255 31.85 -17.09 24.69
C ARG B 255 31.12 -15.92 24.04
N ALA B 256 31.89 -15.07 23.36
CA ALA B 256 31.34 -13.94 22.64
C ALA B 256 32.25 -13.60 21.45
N GLU B 257 31.68 -12.96 20.43
CA GLU B 257 32.39 -12.54 19.24
C GLU B 257 32.09 -11.07 18.94
N ARG B 258 33.11 -10.28 18.66
CA ARG B 258 32.92 -8.88 18.29
C ARG B 258 32.52 -8.82 16.81
N LEU B 259 31.36 -8.22 16.52
CA LEU B 259 30.81 -8.25 15.18
C LEU B 259 30.25 -6.88 14.85
N HIS B 260 30.59 -6.36 13.66
CA HIS B 260 29.90 -5.20 13.12
C HIS B 260 28.53 -5.58 12.59
N LEU B 261 27.54 -4.73 12.85
CA LEU B 261 26.14 -5.07 12.68
C LEU B 261 25.42 -4.01 11.84
N SER B 262 24.50 -4.50 11.01
CA SER B 262 23.95 -3.76 9.89
C SER B 262 22.54 -4.28 9.64
N MET B 263 21.58 -3.39 9.45
CA MET B 263 20.26 -3.82 9.00
C MET B 263 20.17 -3.80 7.48
N VAL B 264 19.47 -4.78 6.93
CA VAL B 264 19.05 -4.77 5.54
C VAL B 264 17.73 -4.02 5.47
N LEU B 265 17.72 -2.89 4.77
CA LEU B 265 16.53 -2.07 4.70
C LEU B 265 15.86 -2.15 3.34
N GLU B 266 16.36 -3.01 2.43
CA GLU B 266 15.83 -3.06 1.08
C GLU B 266 15.94 -4.47 0.55
N GLY B 267 15.02 -4.81 -0.34
CA GLY B 267 15.05 -6.10 -1.01
C GLY B 267 14.48 -7.22 -0.16
N GLU B 268 14.75 -8.45 -0.59
CA GLU B 268 14.02 -9.60 -0.08
C GLU B 268 14.36 -9.89 1.38
N LYS B 269 15.55 -9.49 1.83
CA LYS B 269 15.99 -9.78 3.18
C LYS B 269 15.76 -8.61 4.13
N LEU B 270 14.84 -7.71 3.80
CA LEU B 270 14.59 -6.57 4.68
C LEU B 270 14.22 -7.05 6.07
N GLY B 271 14.87 -6.47 7.09
CA GLY B 271 14.60 -6.81 8.46
C GLY B 271 15.58 -7.79 9.07
N MET B 272 16.37 -8.47 8.23
CA MET B 272 17.52 -9.26 8.65
C MET B 272 18.71 -8.36 8.85
N SER B 273 19.74 -8.88 9.52
CA SER B 273 20.91 -8.09 9.78
C SER B 273 22.16 -8.72 9.17
N LEU B 274 23.19 -7.89 9.00
CA LEU B 274 24.48 -8.29 8.47
C LEU B 274 25.51 -8.27 9.58
N ALA B 275 26.41 -9.26 9.58
CA ALA B 275 27.34 -9.45 10.68
C ALA B 275 28.73 -9.76 10.13
N GLU B 276 29.68 -8.90 10.44
CA GLU B 276 31.05 -9.07 9.96
C GLU B 276 31.97 -9.05 11.17
N PRO B 277 32.86 -10.03 11.31
CA PRO B 277 33.84 -9.97 12.41
C PRO B 277 34.58 -8.64 12.38
N ASP B 278 34.59 -7.96 13.52
CA ASP B 278 35.07 -6.59 13.57
C ASP B 278 35.35 -6.17 15.01
N GLU B 279 36.56 -5.67 15.28
CA GLU B 279 37.03 -5.49 16.65
C GLU B 279 36.47 -4.24 17.30
N LYS B 280 35.91 -3.32 16.52
CA LYS B 280 35.16 -2.18 17.07
C LYS B 280 33.66 -2.38 16.96
N GLY B 281 33.21 -3.61 16.72
CA GLY B 281 31.80 -3.91 16.55
C GLY B 281 31.05 -4.13 17.86
N CYS B 282 29.88 -4.78 17.75
CA CYS B 282 29.12 -5.18 18.93
C CYS B 282 29.71 -6.45 19.51
N LEU B 283 29.71 -6.52 20.84
CA LEU B 283 30.04 -7.76 21.53
C LEU B 283 28.80 -8.65 21.48
N VAL B 284 28.77 -9.57 20.54
CA VAL B 284 27.62 -10.43 20.30
C VAL B 284 27.85 -11.72 21.06
N VAL B 285 27.05 -11.93 22.11
CA VAL B 285 27.27 -13.06 23.02
C VAL B 285 26.92 -14.35 22.30
N LYS B 286 27.81 -15.35 22.40
CA LYS B 286 27.63 -16.62 21.70
C LYS B 286 27.22 -17.76 22.61
N GLU B 287 27.70 -17.79 23.85
CA GLU B 287 27.30 -18.81 24.81
C GLU B 287 27.17 -18.17 26.19
N CYS B 288 26.26 -18.71 26.98
CA CYS B 288 26.07 -18.23 28.34
C CYS B 288 26.45 -19.31 29.34
N ASP B 289 26.53 -18.91 30.60
CA ASP B 289 26.57 -19.84 31.72
C ASP B 289 25.12 -20.19 32.05
N ALA B 290 24.64 -21.25 31.40
CA ALA B 290 23.23 -21.60 31.54
C ALA B 290 22.92 -22.12 32.93
N GLU B 291 23.88 -22.81 33.56
CA GLU B 291 23.68 -23.27 34.92
C GLU B 291 23.40 -22.10 35.84
N LEU B 292 24.23 -21.07 35.78
CA LEU B 292 24.02 -19.89 36.62
C LEU B 292 22.74 -19.17 36.25
N PHE B 293 22.34 -19.20 34.97
CA PHE B 293 21.12 -18.53 34.52
C PHE B 293 19.88 -19.17 35.15
N VAL B 294 19.81 -20.50 35.13
CA VAL B 294 18.72 -21.18 35.83
C VAL B 294 18.78 -20.88 37.32
N LYS B 295 19.99 -20.85 37.90
CA LYS B 295 20.10 -20.53 39.31
C LYS B 295 19.44 -19.19 39.60
N ILE B 296 19.88 -18.13 38.93
CA ILE B 296 19.30 -16.81 39.21
C ILE B 296 17.79 -16.80 38.94
N LEU B 297 17.32 -17.58 37.98
CA LEU B 297 15.88 -17.65 37.75
C LEU B 297 15.17 -18.28 38.94
N ARG B 298 15.67 -19.42 39.43
CA ARG B 298 15.10 -20.04 40.62
C ARG B 298 15.17 -19.11 41.83
N GLU B 299 16.30 -18.43 42.02
CA GLU B 299 16.47 -17.62 43.22
C GLU B 299 15.43 -16.50 43.30
N LEU B 300 15.21 -15.77 42.20
CA LEU B 300 14.24 -14.69 42.29
C LEU B 300 12.84 -15.20 42.58
N GLN B 301 12.57 -16.49 42.33
CA GLN B 301 11.32 -17.09 42.72
C GLN B 301 11.33 -17.65 44.16
N ASP B 302 12.35 -17.34 44.96
CA ASP B 302 12.40 -17.91 46.30
C ASP B 302 11.52 -17.14 47.29
N HIS B 303 11.21 -17.84 48.39
CA HIS B 303 10.35 -17.37 49.46
C HIS B 303 10.98 -16.26 50.30
N GLN B 304 12.24 -15.93 50.09
CA GLN B 304 12.88 -14.81 50.78
C GLN B 304 12.44 -13.47 50.16
N MET C 1 -14.27 -36.59 -4.93
CA MET C 1 -14.95 -35.68 -4.01
C MET C 1 -15.09 -34.24 -4.51
N LYS C 2 -16.32 -33.80 -4.69
CA LYS C 2 -16.60 -32.45 -5.19
C LYS C 2 -16.54 -31.44 -4.06
N LEU C 3 -15.88 -30.31 -4.30
CA LEU C 3 -15.51 -29.41 -3.21
C LEU C 3 -15.56 -27.94 -3.63
N TRP C 4 -16.21 -27.14 -2.81
CA TRP C 4 -16.23 -25.69 -2.91
C TRP C 4 -15.35 -25.13 -1.81
N ILE C 5 -14.56 -24.10 -2.13
CA ILE C 5 -13.65 -23.49 -1.16
C ILE C 5 -13.99 -22.03 -0.99
N ASP C 6 -14.04 -21.58 0.28
CA ASP C 6 -14.26 -20.18 0.64
C ASP C 6 -13.02 -19.66 1.38
N THR C 7 -12.45 -18.56 0.90
CA THR C 7 -11.09 -18.20 1.28
C THR C 7 -10.95 -16.69 1.43
N ASP C 8 -10.06 -16.28 2.34
CA ASP C 8 -9.56 -14.92 2.36
C ASP C 8 -8.10 -15.01 1.93
N CYS C 9 -7.83 -15.74 0.83
CA CYS C 9 -6.49 -16.03 0.32
C CYS C 9 -5.37 -15.11 0.59
N GLY C 10 -4.78 -15.55 1.67
CA GLY C 10 -3.58 -15.19 2.32
C GLY C 10 -2.70 -16.45 2.26
N ILE C 11 -1.56 -16.38 2.92
CA ILE C 11 -0.56 -17.42 2.89
C ILE C 11 -0.96 -18.88 3.15
N ASP C 12 -1.57 -19.16 4.28
CA ASP C 12 -1.97 -20.52 4.53
C ASP C 12 -3.09 -20.98 3.63
N ASP C 13 -3.97 -20.09 3.23
CA ASP C 13 -5.02 -20.41 2.36
C ASP C 13 -4.50 -20.94 1.08
N ALA C 14 -3.52 -20.25 0.52
CA ALA C 14 -3.00 -20.63 -0.80
C ALA C 14 -2.44 -22.04 -0.77
N THR C 15 -1.66 -22.37 0.27
CA THR C 15 -1.14 -23.72 0.42
C THR C 15 -2.28 -24.70 0.61
N ALA C 16 -3.32 -24.29 1.33
CA ALA C 16 -4.47 -25.15 1.50
C ALA C 16 -5.12 -25.42 0.16
N ILE C 17 -5.27 -24.38 -0.66
CA ILE C 17 -5.75 -24.56 -2.02
C ILE C 17 -4.88 -25.59 -2.74
N LEU C 18 -3.55 -25.43 -2.63
CA LEU C 18 -2.65 -26.30 -3.36
C LEU C 18 -2.79 -27.76 -2.92
N ILE C 19 -3.09 -27.98 -1.63
CA ILE C 19 -3.37 -29.34 -1.18
C ILE C 19 -4.54 -29.93 -1.96
N CYS C 20 -5.59 -29.11 -2.15
CA CYS C 20 -6.76 -29.60 -2.87
C CYS C 20 -6.47 -29.83 -4.35
N LEU C 21 -5.76 -28.90 -4.98
CA LEU C 21 -5.41 -29.05 -6.38
C LEU C 21 -4.58 -30.30 -6.61
N ALA C 22 -3.68 -30.62 -5.68
CA ALA C 22 -2.72 -31.68 -5.89
C ALA C 22 -3.32 -33.08 -5.84
N ASN C 23 -4.47 -33.27 -5.19
CA ASN C 23 -5.05 -34.60 -5.07
C ASN C 23 -6.04 -34.82 -6.20
N PRO C 24 -5.86 -35.87 -7.01
CA PRO C 24 -6.71 -36.03 -8.21
C PRO C 24 -8.12 -36.51 -7.92
N SER C 25 -8.39 -36.99 -6.70
CA SER C 25 -9.73 -37.37 -6.30
C SER C 25 -10.59 -36.18 -5.92
N ILE C 26 -9.99 -35.00 -5.77
CA ILE C 26 -10.73 -33.79 -5.43
C ILE C 26 -11.08 -33.03 -6.69
N GLU C 27 -12.34 -32.61 -6.80
CA GLU C 27 -12.76 -31.68 -7.85
C GLU C 27 -13.18 -30.37 -7.19
N ILE C 28 -12.37 -29.34 -7.35
CA ILE C 28 -12.73 -28.00 -6.92
C ILE C 28 -13.72 -27.44 -7.95
N VAL C 29 -14.98 -27.25 -7.53
CA VAL C 29 -16.01 -26.76 -8.46
C VAL C 29 -16.13 -25.25 -8.44
N GLY C 30 -15.46 -24.57 -7.52
CA GLY C 30 -15.61 -23.13 -7.35
C GLY C 30 -14.94 -22.61 -6.10
N ILE C 31 -14.35 -21.43 -6.20
CA ILE C 31 -13.69 -20.76 -5.10
C ILE C 31 -14.36 -19.40 -4.91
N SER C 32 -14.92 -19.17 -3.72
CA SER C 32 -15.48 -17.89 -3.34
C SER C 32 -14.50 -17.14 -2.44
N CYS C 33 -14.58 -15.80 -2.50
CA CYS C 33 -13.65 -14.90 -1.86
C CYS C 33 -14.39 -14.01 -0.87
N ILE C 34 -13.69 -13.69 0.22
CA ILE C 34 -14.20 -12.81 1.26
C ILE C 34 -12.99 -12.04 1.77
N GLY C 35 -13.15 -10.78 2.16
CA GLY C 35 -12.03 -10.01 2.68
C GLY C 35 -11.77 -10.20 4.17
N GLY C 36 -10.71 -10.92 4.51
CA GLY C 36 -10.31 -11.17 5.89
C GLY C 36 -8.85 -10.78 6.05
N ASN C 37 -7.95 -11.75 5.84
CA ASN C 37 -6.51 -11.55 5.82
C ASN C 37 -6.14 -10.28 5.08
N ALA C 38 -6.93 -9.92 4.08
CA ALA C 38 -6.62 -8.85 3.16
C ALA C 38 -7.91 -8.45 2.48
N SER C 39 -7.86 -7.38 1.71
CA SER C 39 -9.04 -6.90 1.02
C SER C 39 -9.51 -7.94 0.01
N LEU C 40 -10.81 -7.89 -0.29
CA LEU C 40 -11.41 -8.74 -1.30
C LEU C 40 -10.62 -8.72 -2.61
N GLN C 41 -10.25 -7.52 -3.08
CA GLN C 41 -9.51 -7.39 -4.32
C GLN C 41 -8.17 -8.12 -4.26
N ASN C 42 -7.48 -8.01 -3.13
CA ASN C 42 -6.24 -8.76 -2.97
C ASN C 42 -6.49 -10.25 -2.87
N VAL C 43 -7.62 -10.67 -2.29
CA VAL C 43 -7.92 -12.10 -2.22
C VAL C 43 -8.16 -12.65 -3.62
N ILE C 44 -8.95 -11.94 -4.42
CA ILE C 44 -9.17 -12.36 -5.80
C ILE C 44 -7.84 -12.50 -6.53
N ARG C 45 -6.96 -11.49 -6.42
CA ARG C 45 -5.65 -11.60 -7.07
C ARG C 45 -4.89 -12.83 -6.59
N ASN C 46 -5.00 -13.13 -5.29
CA ASN C 46 -4.15 -14.17 -4.71
C ASN C 46 -4.65 -15.57 -5.04
N VAL C 47 -5.97 -15.75 -5.07
CA VAL C 47 -6.50 -17.01 -5.60
C VAL C 47 -5.99 -17.23 -7.02
N ASN C 48 -6.10 -16.19 -7.86
CA ASN C 48 -5.58 -16.25 -9.24
C ASN C 48 -4.10 -16.60 -9.26
N ARG C 49 -3.30 -15.94 -8.42
CA ARG C 49 -1.88 -16.26 -8.34
C ARG C 49 -1.66 -17.74 -8.07
N THR C 50 -2.47 -18.31 -7.17
CA THR C 50 -2.25 -19.67 -6.73
C THR C 50 -2.66 -20.64 -7.81
N LEU C 51 -3.75 -20.36 -8.51
CA LEU C 51 -4.18 -21.22 -9.61
C LEU C 51 -3.15 -21.21 -10.73
N LYS C 52 -2.62 -20.02 -11.04
CA LYS C 52 -1.66 -19.91 -12.13
C LYS C 52 -0.39 -20.67 -11.79
N VAL C 53 0.12 -20.50 -10.56
CA VAL C 53 1.32 -21.21 -10.16
C VAL C 53 1.13 -22.72 -10.30
N TRP C 54 -0.07 -23.22 -9.99
CA TRP C 54 -0.27 -24.67 -10.10
C TRP C 54 -0.47 -25.09 -11.55
N GLY C 55 -1.29 -24.37 -12.31
CA GLY C 55 -1.51 -24.66 -13.71
C GLY C 55 -2.94 -25.02 -14.10
N LYS C 56 -3.91 -24.69 -13.23
CA LYS C 56 -5.31 -25.04 -13.45
C LYS C 56 -6.15 -23.79 -13.23
N THR C 57 -6.34 -23.02 -14.30
CA THR C 57 -7.22 -21.86 -14.28
C THR C 57 -8.66 -22.22 -14.62
N ASP C 58 -8.98 -23.50 -14.67
CA ASP C 58 -10.31 -23.98 -15.06
C ASP C 58 -11.36 -23.82 -13.96
N ILE C 59 -11.05 -23.16 -12.85
CA ILE C 59 -11.94 -23.10 -11.71
C ILE C 59 -12.49 -21.69 -11.59
N PRO C 60 -13.81 -21.50 -11.55
CA PRO C 60 -14.36 -20.14 -11.48
C PRO C 60 -14.15 -19.52 -10.12
N ILE C 61 -13.79 -18.24 -10.11
CA ILE C 61 -13.50 -17.46 -8.93
C ILE C 61 -14.59 -16.40 -8.76
N PHE C 62 -15.22 -16.36 -7.59
CA PHE C 62 -16.35 -15.48 -7.31
C PHE C 62 -16.04 -14.53 -6.16
N GLY C 63 -16.46 -13.28 -6.31
CA GLY C 63 -16.28 -12.28 -5.27
C GLY C 63 -17.46 -12.24 -4.32
N GLY C 64 -17.15 -12.09 -3.04
CA GLY C 64 -18.20 -12.08 -2.04
C GLY C 64 -18.31 -10.79 -1.28
N CYS C 65 -18.57 -10.90 0.02
CA CYS C 65 -18.91 -9.75 0.84
C CYS C 65 -17.64 -8.97 1.16
N GLN C 66 -17.82 -7.71 1.52
CA GLN C 66 -16.66 -6.85 1.76
C GLN C 66 -16.30 -6.73 3.22
N ALA C 67 -17.25 -6.75 4.13
CA ALA C 67 -17.02 -6.53 5.54
C ALA C 67 -17.70 -7.64 6.32
N PRO C 68 -17.36 -7.78 7.63
CA PRO C 68 -18.17 -8.62 8.54
C PRO C 68 -19.64 -8.26 8.49
N LEU C 69 -20.50 -9.15 8.98
CA LEU C 69 -21.94 -8.90 8.94
C LEU C 69 -22.30 -7.70 9.79
N VAL C 70 -21.99 -7.77 11.08
CA VAL C 70 -22.39 -6.75 12.04
C VAL C 70 -21.19 -6.01 12.57
N GLN C 71 -20.14 -6.73 12.91
CA GLN C 71 -18.93 -6.10 13.38
C GLN C 71 -18.42 -5.09 12.38
N PRO C 72 -18.09 -3.88 12.86
CA PRO C 72 -17.61 -2.78 12.04
C PRO C 72 -16.18 -3.00 11.55
N LYS C 73 -15.85 -2.42 10.40
CA LYS C 73 -14.51 -2.57 9.83
C LYS C 73 -13.47 -2.05 10.82
N MET C 74 -12.62 -2.95 11.30
CA MET C 74 -11.57 -2.59 12.25
C MET C 74 -10.21 -2.49 11.55
N GLU C 75 -10.27 -2.14 10.27
CA GLU C 75 -9.13 -1.97 9.34
C GLU C 75 -8.40 -3.25 8.91
N ILE C 76 -8.24 -3.40 7.60
CA ILE C 76 -7.56 -4.55 7.04
C ILE C 76 -6.22 -4.76 7.64
N PRO C 77 -5.95 -6.00 8.09
CA PRO C 77 -4.65 -6.32 8.68
C PRO C 77 -3.60 -6.57 7.61
N HIS C 78 -2.44 -7.07 8.08
CA HIS C 78 -1.20 -7.16 7.30
C HIS C 78 -0.32 -8.25 7.87
N ILE C 79 -0.90 -9.19 8.62
CA ILE C 79 -0.13 -10.34 9.04
C ILE C 79 0.40 -11.09 7.82
N HIS C 80 -0.39 -11.16 6.76
CA HIS C 80 -0.01 -11.82 5.51
C HIS C 80 0.59 -10.87 4.49
N GLY C 81 1.27 -9.81 4.94
CA GLY C 81 1.81 -8.81 4.05
C GLY C 81 0.78 -7.84 3.52
N GLY C 82 1.27 -6.81 2.84
CA GLY C 82 0.37 -5.78 2.32
C GLY C 82 -0.61 -6.33 1.30
N ASP C 83 -0.14 -7.24 0.45
CA ASP C 83 -0.99 -7.83 -0.59
C ASP C 83 -1.70 -9.10 -0.15
N GLY C 84 -1.55 -9.52 1.10
CA GLY C 84 -2.16 -10.74 1.56
C GLY C 84 -1.44 -12.01 1.17
N LEU C 85 -0.41 -11.95 0.32
CA LEU C 85 0.32 -13.16 -0.07
C LEU C 85 1.80 -13.02 0.19
N GLY C 86 2.17 -12.46 1.34
CA GLY C 86 3.57 -12.27 1.64
C GLY C 86 4.31 -11.32 0.74
N ASP C 87 3.58 -10.49 -0.03
CA ASP C 87 4.19 -9.40 -0.79
C ASP C 87 5.14 -9.92 -1.86
N ILE C 88 4.73 -10.96 -2.57
CA ILE C 88 5.61 -11.60 -3.53
C ILE C 88 5.63 -10.79 -4.83
N ASN C 89 6.66 -11.00 -5.62
CA ASN C 89 6.84 -10.31 -6.90
C ASN C 89 6.36 -11.22 -8.02
N ASP C 90 5.33 -10.77 -8.74
CA ASP C 90 4.74 -11.60 -9.80
C ASP C 90 5.72 -11.85 -10.94
N ASN C 91 6.68 -10.97 -11.13
CA ASN C 91 7.62 -11.19 -12.21
C ASN C 91 8.46 -12.41 -12.00
N ASP C 92 8.61 -12.86 -10.74
CA ASP C 92 9.31 -14.10 -10.41
C ASP C 92 8.44 -15.34 -10.58
N PHE C 93 7.16 -15.18 -10.89
CA PHE C 93 6.24 -16.29 -11.00
C PHE C 93 5.50 -16.33 -12.32
N GLY C 94 5.61 -15.30 -13.13
CA GLY C 94 4.85 -15.27 -14.37
C GLY C 94 3.39 -15.03 -14.16
N THR C 95 3.00 -14.43 -13.03
CA THR C 95 1.60 -14.21 -12.69
C THR C 95 1.17 -12.76 -12.88
N ASN C 96 2.01 -11.93 -13.50
CA ASN C 96 1.63 -10.58 -13.90
C ASN C 96 0.80 -10.63 -15.17
N THR C 97 -0.38 -11.24 -15.06
CA THR C 97 -1.31 -11.45 -16.16
C THR C 97 -2.70 -11.13 -15.68
N PRO C 98 -3.66 -10.90 -16.58
CA PRO C 98 -5.03 -10.61 -16.17
C PRO C 98 -5.56 -11.63 -15.17
N ASN C 99 -6.48 -11.17 -14.32
CA ASN C 99 -7.12 -11.99 -13.32
C ASN C 99 -8.50 -12.43 -13.79
N LYS C 100 -8.88 -13.63 -13.39
CA LYS C 100 -10.21 -14.15 -13.69
C LYS C 100 -11.12 -13.85 -12.51
N LEU C 101 -12.36 -13.48 -12.83
CA LEU C 101 -13.38 -13.27 -11.82
C LEU C 101 -14.73 -13.44 -12.50
N GLU C 102 -15.55 -14.35 -12.00
CA GLU C 102 -16.90 -14.46 -12.54
C GLU C 102 -17.71 -13.23 -12.17
N LYS C 103 -18.89 -13.13 -12.77
CA LYS C 103 -19.78 -12.00 -12.55
C LYS C 103 -20.75 -12.24 -11.39
N GLU C 104 -21.14 -13.48 -11.13
CA GLU C 104 -22.11 -13.75 -10.06
C GLU C 104 -21.50 -13.43 -8.70
N HIS C 105 -22.34 -12.92 -7.79
CA HIS C 105 -21.91 -12.78 -6.40
C HIS C 105 -21.64 -14.17 -5.83
N ALA C 106 -20.58 -14.28 -5.02
CA ALA C 106 -20.24 -15.55 -4.40
C ALA C 106 -21.44 -16.16 -3.67
N VAL C 107 -22.28 -15.33 -3.06
CA VAL C 107 -23.43 -15.88 -2.33
C VAL C 107 -24.39 -16.56 -3.30
N ASN C 108 -24.63 -15.95 -4.47
CA ASN C 108 -25.56 -16.55 -5.41
C ASN C 108 -24.95 -17.76 -6.10
N ALA C 109 -23.66 -17.69 -6.43
CA ALA C 109 -23.02 -18.82 -7.08
C ALA C 109 -23.00 -20.05 -6.18
N LEU C 110 -22.65 -19.86 -4.89
CA LEU C 110 -22.65 -21.00 -3.96
C LEU C 110 -24.05 -21.59 -3.82
N ILE C 111 -25.06 -20.74 -3.67
CA ILE C 111 -26.44 -21.23 -3.59
C ILE C 111 -26.79 -22.05 -4.83
N HIS C 112 -26.47 -21.53 -6.01
CA HIS C 112 -26.68 -22.27 -7.26
C HIS C 112 -25.96 -23.61 -7.23
N ALA C 113 -24.67 -23.59 -6.92
CA ALA C 113 -23.92 -24.84 -6.87
C ALA C 113 -24.53 -25.82 -5.86
N ALA C 114 -24.92 -25.33 -4.68
CA ALA C 114 -25.52 -26.22 -3.69
C ALA C 114 -26.81 -26.84 -4.22
N ASN C 115 -27.51 -26.12 -5.11
CA ASN C 115 -28.76 -26.63 -5.68
C ASN C 115 -28.53 -27.62 -6.81
N THR C 116 -27.38 -27.58 -7.47
CA THR C 116 -27.22 -28.29 -8.74
C THR C 116 -26.17 -29.39 -8.74
N ILE C 117 -25.19 -29.37 -7.84
CA ILE C 117 -24.07 -30.30 -7.89
C ILE C 117 -24.27 -31.33 -6.78
N GLU C 118 -24.51 -32.58 -7.16
CA GLU C 118 -24.77 -33.63 -6.18
C GLU C 118 -23.54 -33.88 -5.31
N ASP C 119 -23.78 -34.10 -4.02
CA ASP C 119 -22.73 -34.43 -3.05
C ASP C 119 -21.66 -33.34 -2.96
N LEU C 120 -22.09 -32.08 -2.97
CA LEU C 120 -21.18 -30.97 -2.82
C LEU C 120 -20.69 -30.89 -1.38
N ASN C 121 -19.38 -30.76 -1.20
CA ASN C 121 -18.77 -30.46 0.10
C ASN C 121 -18.20 -29.05 0.08
N ILE C 122 -17.99 -28.48 1.25
CA ILE C 122 -17.41 -27.15 1.30
C ILE C 122 -16.25 -27.12 2.31
N LEU C 123 -15.20 -26.42 1.91
CA LEU C 123 -14.05 -26.13 2.75
C LEU C 123 -14.05 -24.64 3.02
N CYS C 124 -14.25 -24.27 4.29
CA CYS C 124 -14.41 -22.87 4.70
C CYS C 124 -13.12 -22.43 5.40
N LEU C 125 -12.42 -21.46 4.81
CA LEU C 125 -11.08 -21.09 5.23
C LEU C 125 -10.99 -19.65 5.76
N ALA C 126 -12.11 -19.02 6.09
CA ALA C 126 -12.12 -17.58 6.26
C ALA C 126 -13.31 -17.20 7.13
N PRO C 127 -13.41 -15.94 7.55
CA PRO C 127 -14.65 -15.50 8.21
C PRO C 127 -15.86 -15.93 7.38
N LEU C 128 -16.93 -16.29 8.07
CA LEU C 128 -17.99 -17.06 7.44
C LEU C 128 -19.08 -16.20 6.82
N THR C 129 -18.85 -14.89 6.72
CA THR C 129 -19.80 -13.93 6.19
C THR C 129 -20.51 -14.41 4.92
N ASN C 130 -19.74 -14.91 3.93
CA ASN C 130 -20.38 -15.39 2.71
C ASN C 130 -21.34 -16.54 3.02
N ILE C 131 -20.90 -17.52 3.82
CA ILE C 131 -21.73 -18.70 4.09
C ILE C 131 -22.97 -18.32 4.89
N ALA C 132 -22.81 -17.42 5.86
CA ALA C 132 -23.93 -16.96 6.66
C ALA C 132 -25.00 -16.31 5.79
N ILE C 133 -24.60 -15.45 4.86
CA ILE C 133 -25.59 -14.76 4.04
C ILE C 133 -26.25 -15.74 3.09
N ALA C 134 -25.48 -16.70 2.57
CA ALA C 134 -26.08 -17.75 1.75
C ALA C 134 -27.03 -18.60 2.59
N LEU C 135 -26.65 -18.89 3.83
CA LEU C 135 -27.53 -19.65 4.70
C LEU C 135 -28.80 -18.85 5.00
N SER C 136 -28.64 -17.54 5.20
CA SER C 136 -29.78 -16.72 5.57
C SER C 136 -30.70 -16.49 4.36
N MET C 137 -30.15 -16.47 3.15
CA MET C 137 -30.93 -16.20 1.95
C MET C 137 -31.63 -17.45 1.41
N ALA C 138 -30.95 -18.60 1.45
CA ALA C 138 -31.43 -19.82 0.82
C ALA C 138 -31.02 -21.02 1.66
N PRO C 139 -31.56 -21.14 2.88
CA PRO C 139 -31.16 -22.28 3.73
C PRO C 139 -31.42 -23.64 3.09
N GLU C 140 -32.56 -23.79 2.42
CA GLU C 140 -32.89 -25.05 1.77
C GLU C 140 -31.82 -25.45 0.75
N ALA C 141 -31.09 -24.47 0.21
CA ALA C 141 -30.02 -24.80 -0.71
C ALA C 141 -28.75 -25.23 0.05
N ILE C 142 -28.28 -24.40 0.97
CA ILE C 142 -27.01 -24.68 1.63
C ILE C 142 -27.10 -25.97 2.43
N LEU C 143 -28.26 -26.22 3.04
CA LEU C 143 -28.44 -27.45 3.79
C LEU C 143 -28.24 -28.70 2.93
N LYS C 144 -28.21 -28.58 1.60
CA LYS C 144 -27.95 -29.74 0.75
C LYS C 144 -26.48 -30.16 0.76
N ILE C 145 -25.58 -29.25 1.16
CA ILE C 145 -24.15 -29.57 1.20
C ILE C 145 -23.93 -30.81 2.05
N LYS C 146 -23.11 -31.74 1.53
CA LYS C 146 -22.89 -33.02 2.20
C LYS C 146 -22.21 -32.82 3.53
N HIS C 147 -21.23 -31.92 3.60
CA HIS C 147 -20.43 -31.79 4.81
C HIS C 147 -19.74 -30.43 4.80
N PHE C 148 -19.46 -29.90 6.00
CA PHE C 148 -18.76 -28.64 6.20
C PHE C 148 -17.40 -28.90 6.84
N TYR C 149 -16.33 -28.48 6.17
CA TYR C 149 -15.00 -28.48 6.78
C TYR C 149 -14.61 -27.03 7.02
N ILE C 150 -14.38 -26.68 8.29
CA ILE C 150 -14.23 -25.29 8.69
C ILE C 150 -12.92 -25.12 9.44
N MET C 151 -12.08 -24.21 8.95
CA MET C 151 -10.98 -23.71 9.75
C MET C 151 -11.50 -22.56 10.58
N GLY C 152 -11.40 -22.68 11.90
CA GLY C 152 -11.82 -21.60 12.78
C GLY C 152 -12.01 -22.11 14.19
N GLY C 153 -12.22 -21.15 15.09
CA GLY C 153 -12.46 -21.46 16.48
C GLY C 153 -11.16 -21.79 17.21
N ALA C 154 -11.23 -21.70 18.53
CA ALA C 154 -10.11 -22.02 19.41
C ALA C 154 -10.67 -22.53 20.72
N GLU C 155 -9.92 -23.35 21.42
CA GLU C 155 -10.34 -23.79 22.70
C GLU C 155 -10.01 -22.70 23.69
N ASN C 156 -10.92 -22.48 24.59
CA ASN C 156 -10.74 -21.43 25.52
C ASN C 156 -11.03 -22.07 26.81
N GLY C 157 -9.94 -22.49 27.40
CA GLY C 157 -9.99 -23.21 28.64
C GLY C 157 -9.69 -24.63 28.25
N LYS C 158 -9.05 -25.28 29.22
CA LYS C 158 -8.56 -26.67 29.22
C LYS C 158 -7.39 -26.79 28.27
N GLY C 159 -6.40 -25.92 28.44
CA GLY C 159 -5.23 -25.87 27.60
C GLY C 159 -4.44 -24.61 27.92
N ASN C 160 -3.32 -24.44 27.23
CA ASN C 160 -2.43 -23.31 27.45
C ASN C 160 -2.23 -22.45 26.20
N ILE C 161 -2.70 -22.90 25.03
CA ILE C 161 -2.62 -22.15 23.78
C ILE C 161 -3.70 -21.08 23.76
N THR C 162 -3.28 -19.80 23.65
CA THR C 162 -4.19 -18.67 23.71
C THR C 162 -5.34 -18.84 22.74
N PRO C 163 -6.59 -18.64 23.15
CA PRO C 163 -7.67 -18.47 22.18
C PRO C 163 -7.50 -17.22 21.34
N TYR C 164 -6.65 -16.27 21.77
CA TYR C 164 -6.52 -15.00 21.07
C TYR C 164 -5.70 -15.09 19.78
N GLY C 165 -5.23 -16.28 19.40
CA GLY C 165 -4.72 -16.40 18.05
C GLY C 165 -5.77 -16.58 16.99
N GLU C 166 -7.01 -16.84 17.38
CA GLU C 166 -8.05 -17.16 16.42
C GLU C 166 -8.49 -15.92 15.67
N PHE C 167 -8.76 -16.09 14.38
CA PHE C 167 -9.12 -14.95 13.54
C PHE C 167 -10.48 -15.08 12.88
N ASN C 168 -10.79 -16.21 12.25
CA ASN C 168 -11.94 -16.23 11.35
C ASN C 168 -13.25 -15.99 12.09
N TRP C 169 -13.42 -16.68 13.22
CA TRP C 169 -14.67 -16.55 13.95
C TRP C 169 -14.71 -15.23 14.71
N ARG C 170 -13.59 -14.82 15.30
CA ARG C 170 -13.52 -13.51 15.91
C ARG C 170 -13.81 -12.39 14.90
N ALA C 171 -13.37 -12.57 13.64
CA ALA C 171 -13.55 -11.48 12.69
C ALA C 171 -15.02 -11.29 12.35
N ASP C 172 -15.83 -12.34 12.39
CA ASP C 172 -17.27 -12.22 12.16
C ASP C 172 -18.02 -13.20 13.05
N PRO C 173 -18.14 -12.90 14.34
CA PRO C 173 -18.81 -13.83 15.26
C PRO C 173 -20.25 -14.10 14.86
N GLU C 174 -20.94 -13.09 14.34
CA GLU C 174 -22.33 -13.30 13.96
C GLU C 174 -22.43 -14.29 12.80
N ALA C 175 -21.52 -14.22 11.85
CA ALA C 175 -21.55 -15.17 10.75
C ALA C 175 -21.29 -16.59 11.25
N ALA C 176 -20.33 -16.76 12.15
CA ALA C 176 -20.06 -18.09 12.69
C ALA C 176 -21.26 -18.63 13.45
N GLN C 177 -21.93 -17.79 14.24
CA GLN C 177 -23.10 -18.27 14.97
C GLN C 177 -24.19 -18.73 14.02
N ILE C 178 -24.37 -18.00 12.92
CA ILE C 178 -25.40 -18.37 11.95
C ILE C 178 -25.12 -19.74 11.37
N VAL C 179 -23.89 -19.99 10.93
CA VAL C 179 -23.52 -21.30 10.39
C VAL C 179 -23.76 -22.37 11.45
N LEU C 180 -23.24 -22.14 12.65
CA LEU C 180 -23.29 -23.14 13.73
C LEU C 180 -24.70 -23.49 14.16
N GLN C 181 -25.64 -22.55 14.09
CA GLN C 181 -27.02 -22.80 14.51
C GLN C 181 -27.97 -23.12 13.35
N THR C 182 -27.50 -23.02 12.10
CA THR C 182 -28.31 -23.36 10.94
C THR C 182 -27.79 -24.58 10.19
N TYR C 183 -26.46 -24.71 9.96
CA TYR C 183 -26.03 -25.94 9.29
C TYR C 183 -25.70 -27.02 10.34
N PRO C 184 -26.13 -28.27 10.14
CA PRO C 184 -26.02 -29.29 11.20
C PRO C 184 -24.58 -29.54 11.65
N GLN C 185 -24.35 -29.45 12.97
CA GLN C 185 -22.99 -29.60 13.51
C GLN C 185 -22.47 -31.02 13.32
N TYR C 186 -23.36 -32.01 13.28
CA TYR C 186 -22.91 -33.38 13.10
C TYR C 186 -22.23 -33.53 11.74
N GLN C 187 -22.74 -32.80 10.73
CA GLN C 187 -22.18 -32.72 9.40
C GLN C 187 -21.03 -31.70 9.27
N THR C 188 -20.47 -31.25 10.38
CA THR C 188 -19.42 -30.23 10.40
C THR C 188 -18.17 -30.79 11.06
N THR C 189 -17.03 -30.58 10.41
CA THR C 189 -15.72 -30.89 11.00
C THR C 189 -14.93 -29.60 11.15
N ILE C 190 -14.23 -29.49 12.27
CA ILE C 190 -13.57 -28.25 12.67
C ILE C 190 -12.07 -28.47 12.73
N ALA C 191 -11.31 -27.61 12.04
CA ALA C 191 -9.86 -27.53 12.16
C ALA C 191 -9.58 -26.20 12.85
N SER C 192 -9.29 -26.28 14.13
CA SER C 192 -9.25 -25.13 15.00
C SER C 192 -7.91 -24.43 14.95
N TRP C 193 -7.91 -23.18 15.45
CA TRP C 193 -6.64 -22.48 15.64
C TRP C 193 -5.80 -23.14 16.71
N THR C 194 -6.44 -23.69 17.74
CA THR C 194 -5.72 -24.51 18.71
C THR C 194 -4.96 -25.63 18.00
N LEU C 195 -5.64 -26.36 17.10
CA LEU C 195 -5.02 -27.42 16.31
C LEU C 195 -3.78 -26.92 15.58
N ALA C 196 -3.85 -25.71 15.00
CA ALA C 196 -2.77 -25.18 14.20
C ALA C 196 -1.54 -24.87 15.04
N VAL C 197 -1.71 -24.55 16.32
CA VAL C 197 -0.55 -24.33 17.19
C VAL C 197 -0.05 -25.64 17.76
N PHE C 198 -0.97 -26.54 18.10
CA PHE C 198 -0.56 -27.85 18.63
C PHE C 198 0.17 -28.64 17.56
N ASN C 199 -0.38 -28.72 16.36
CA ASN C 199 0.30 -29.37 15.24
C ASN C 199 1.17 -28.42 14.44
N SER C 200 1.83 -27.47 15.09
CA SER C 200 2.73 -26.57 14.39
C SER C 200 4.14 -27.18 14.31
N PHE C 201 4.99 -26.55 13.51
CA PHE C 201 6.34 -27.06 13.27
C PHE C 201 7.37 -25.96 13.52
N ASN C 202 8.49 -26.33 14.13
CA ASN C 202 9.63 -25.43 14.24
C ASN C 202 10.33 -25.36 12.88
N ALA C 203 10.26 -24.22 12.23
CA ALA C 203 10.87 -24.11 10.90
C ALA C 203 12.39 -24.20 10.96
N ASN C 204 12.98 -24.01 12.14
CA ASN C 204 14.41 -24.25 12.27
C ASN C 204 14.72 -25.73 12.26
N ASP C 205 13.70 -26.59 12.34
CA ASP C 205 13.84 -28.04 12.35
C ASP C 205 13.21 -28.73 11.15
N TYR C 206 12.23 -28.12 10.51
CA TYR C 206 11.56 -28.69 9.35
C TYR C 206 11.75 -27.75 8.17
N ASP C 207 12.21 -28.28 7.05
CA ASP C 207 12.50 -27.44 5.91
C ASP C 207 11.48 -27.59 4.78
N PHE C 208 10.32 -28.19 5.05
CA PHE C 208 9.41 -28.49 3.95
C PHE C 208 8.75 -27.25 3.35
N PHE C 209 8.78 -26.11 4.05
CA PHE C 209 8.34 -24.85 3.45
C PHE C 209 9.53 -24.00 3.02
N ASN C 210 10.60 -24.67 2.61
CA ASN C 210 11.85 -24.02 2.23
C ASN C 210 12.63 -24.88 1.22
N LEU C 211 11.98 -25.23 0.11
CA LEU C 211 12.59 -25.86 -1.05
C LEU C 211 12.68 -24.85 -2.20
N ASP C 212 13.53 -25.13 -3.21
CA ASP C 212 13.36 -24.57 -4.57
C ASP C 212 13.58 -25.72 -5.54
N GLY C 213 13.79 -25.38 -6.80
CA GLY C 213 13.81 -26.34 -7.89
C GLY C 213 12.67 -26.16 -8.86
N ASN C 214 11.52 -25.71 -8.37
CA ASN C 214 10.40 -25.46 -9.26
C ASN C 214 9.53 -24.32 -8.72
N LEU C 215 8.47 -24.04 -9.47
CA LEU C 215 7.61 -22.89 -9.23
C LEU C 215 6.82 -23.04 -7.94
N VAL C 216 6.23 -24.21 -7.72
CA VAL C 216 5.42 -24.43 -6.54
C VAL C 216 6.25 -24.24 -5.27
N ARG C 217 7.45 -24.82 -5.25
CA ARG C 217 8.30 -24.68 -4.09
C ARG C 217 8.67 -23.23 -3.84
N ARG C 218 8.92 -22.48 -4.91
CA ARG C 218 9.28 -21.06 -4.80
C ARG C 218 8.10 -20.26 -4.26
N PHE C 219 6.92 -20.51 -4.81
CA PHE C 219 5.69 -19.95 -4.29
C PHE C 219 5.53 -20.26 -2.81
N ILE C 220 5.63 -21.54 -2.44
CA ILE C 220 5.39 -21.93 -1.05
C ILE C 220 6.43 -21.30 -0.14
N ARG C 221 7.70 -21.30 -0.56
CA ARG C 221 8.77 -20.80 0.31
C ARG C 221 8.68 -19.29 0.49
N GLU C 222 8.41 -18.55 -0.59
CA GLU C 222 8.39 -17.10 -0.50
C GLU C 222 7.14 -16.57 0.16
N THR C 223 6.00 -17.26 -0.01
CA THR C 223 4.78 -16.78 0.64
C THR C 223 4.86 -17.00 2.14
N TRP C 224 5.37 -18.17 2.56
CA TRP C 224 5.39 -18.50 3.98
C TRP C 224 6.50 -17.81 4.74
N LYS C 225 7.54 -17.32 4.03
CA LYS C 225 8.67 -16.63 4.65
C LYS C 225 8.23 -15.56 5.65
N PRO C 226 7.39 -14.59 5.28
CA PRO C 226 7.03 -13.55 6.25
C PRO C 226 6.20 -14.07 7.41
N ILE C 227 5.30 -15.03 7.17
CA ILE C 227 4.44 -15.48 8.26
C ILE C 227 5.17 -16.40 9.22
N ILE C 228 6.23 -17.08 8.78
CA ILE C 228 7.09 -17.79 9.73
C ILE C 228 7.91 -16.80 10.59
N ALA C 229 8.24 -15.63 10.05
CA ALA C 229 8.91 -14.60 10.85
C ALA C 229 7.99 -14.04 11.93
N PHE C 230 6.76 -13.68 11.56
CA PHE C 230 5.62 -13.67 12.46
C PHE C 230 5.53 -15.07 13.04
N ASP C 231 4.82 -15.32 14.11
CA ASP C 231 4.78 -16.72 14.61
C ASP C 231 6.15 -17.24 15.04
N GLY C 232 7.16 -16.39 15.13
CA GLY C 232 8.36 -16.69 15.90
C GLY C 232 9.17 -17.87 15.41
N GLY C 233 9.33 -18.00 14.11
CA GLY C 233 10.11 -19.10 13.59
C GLY C 233 9.34 -20.38 13.43
N ARG C 234 8.02 -20.35 13.57
CA ARG C 234 7.17 -21.53 13.54
C ARG C 234 6.22 -21.54 12.34
N ILE C 235 5.94 -22.73 11.85
CA ILE C 235 4.91 -22.97 10.85
C ILE C 235 3.65 -23.40 11.60
N CYS C 236 2.61 -22.57 11.59
CA CYS C 236 1.31 -22.88 12.17
C CYS C 236 0.32 -23.10 11.05
N PRO C 237 0.22 -24.36 10.57
CA PRO C 237 -0.70 -24.71 9.48
C PRO C 237 -2.16 -24.68 9.92
N ALA C 238 -2.82 -23.54 9.72
CA ALA C 238 -4.21 -23.38 10.11
C ALA C 238 -5.15 -23.85 8.99
N ASP C 239 -4.94 -23.33 7.79
CA ASP C 239 -5.77 -23.69 6.64
C ASP C 239 -5.30 -24.98 5.96
N PRO C 240 -3.98 -25.17 5.77
CA PRO C 240 -3.53 -26.46 5.22
C PRO C 240 -4.08 -27.66 5.97
N LEU C 241 -3.97 -27.66 7.31
CA LEU C 241 -4.55 -28.74 8.10
C LEU C 241 -6.04 -28.92 7.81
N ALA C 242 -6.79 -27.81 7.70
CA ALA C 242 -8.21 -27.93 7.37
C ALA C 242 -8.39 -28.61 6.03
N ALA C 243 -7.58 -28.23 5.03
CA ALA C 243 -7.59 -28.92 3.74
C ALA C 243 -7.10 -30.37 3.90
N PHE C 244 -6.12 -30.60 4.77
CA PHE C 244 -5.64 -31.94 5.03
C PHE C 244 -6.80 -32.82 5.48
N ILE C 245 -7.56 -32.35 6.48
CA ILE C 245 -8.67 -33.12 7.00
C ILE C 245 -9.77 -33.30 5.94
N ALA C 246 -10.08 -32.23 5.20
CA ALA C 246 -11.12 -32.34 4.19
C ALA C 246 -10.75 -33.39 3.13
N VAL C 247 -9.49 -33.42 2.73
CA VAL C 247 -9.11 -34.27 1.61
C VAL C 247 -8.75 -35.68 2.07
N TYR C 248 -8.05 -35.83 3.19
CA TYR C 248 -7.61 -37.16 3.60
C TYR C 248 -8.46 -37.78 4.70
N GLY C 249 -9.38 -37.03 5.31
CA GLY C 249 -10.43 -37.65 6.11
C GLY C 249 -9.88 -38.35 7.34
N ASP C 250 -10.36 -39.58 7.58
CA ASP C 250 -9.98 -40.28 8.80
C ASP C 250 -8.49 -40.58 8.82
N ARG C 251 -7.87 -40.70 7.65
CA ARG C 251 -6.41 -40.84 7.60
C ARG C 251 -5.72 -39.62 8.20
N ALA C 252 -6.31 -38.44 8.05
CA ALA C 252 -5.71 -37.22 8.56
C ALA C 252 -5.81 -37.13 10.08
N ILE C 253 -6.87 -37.70 10.66
CA ILE C 253 -7.21 -37.43 12.06
C ILE C 253 -6.50 -38.42 12.97
N LYS C 254 -5.79 -37.91 13.98
CA LYS C 254 -5.29 -38.74 15.06
C LYS C 254 -6.33 -38.85 16.18
N ARG C 255 -6.72 -37.71 16.76
CA ARG C 255 -7.74 -37.62 17.80
C ARG C 255 -8.72 -36.50 17.49
N ALA C 256 -9.94 -36.65 18.02
CA ALA C 256 -11.04 -35.74 17.74
C ALA C 256 -12.12 -35.94 18.79
N GLU C 257 -12.91 -34.89 19.00
CA GLU C 257 -14.01 -34.89 19.95
C GLU C 257 -15.26 -34.29 19.30
N ARG C 258 -16.42 -34.81 19.67
CA ARG C 258 -17.68 -34.26 19.24
C ARG C 258 -18.10 -33.20 20.24
N LEU C 259 -18.20 -31.95 19.80
CA LEU C 259 -18.45 -30.83 20.69
C LEU C 259 -19.48 -29.92 20.05
N HIS C 260 -20.58 -29.69 20.75
CA HIS C 260 -21.50 -28.64 20.31
C HIS C 260 -20.87 -27.26 20.53
N LEU C 261 -20.82 -26.47 19.48
CA LEU C 261 -20.16 -25.17 19.53
C LEU C 261 -21.19 -24.05 19.38
N SER C 262 -20.93 -22.96 20.08
CA SER C 262 -21.72 -21.74 19.94
C SER C 262 -20.81 -20.56 20.19
N MET C 263 -21.19 -19.40 19.65
CA MET C 263 -20.43 -18.17 19.78
C MET C 263 -20.86 -17.36 21.00
N VAL C 264 -19.91 -16.64 21.57
CA VAL C 264 -20.17 -15.61 22.57
C VAL C 264 -20.31 -14.30 21.81
N LEU C 265 -21.53 -13.75 21.75
CA LEU C 265 -21.77 -12.57 20.94
C LEU C 265 -21.80 -11.28 21.75
N GLU C 266 -21.33 -11.30 23.00
CA GLU C 266 -21.40 -10.11 23.84
C GLU C 266 -20.47 -10.28 25.03
N GLY C 267 -20.02 -9.15 25.58
CA GLY C 267 -19.15 -9.14 26.73
C GLY C 267 -17.68 -9.18 26.37
N GLU C 268 -16.85 -9.35 27.40
CA GLU C 268 -15.41 -9.33 27.19
C GLU C 268 -14.92 -10.52 26.37
N LYS C 269 -15.72 -11.55 26.20
CA LYS C 269 -15.31 -12.71 25.44
C LYS C 269 -15.96 -12.79 24.07
N LEU C 270 -16.51 -11.66 23.58
CA LEU C 270 -17.05 -11.64 22.23
C LEU C 270 -16.04 -12.20 21.24
N GLY C 271 -16.52 -13.00 20.28
CA GLY C 271 -15.66 -13.71 19.36
C GLY C 271 -15.19 -15.07 19.83
N MET C 272 -15.30 -15.38 21.11
CA MET C 272 -14.92 -16.70 21.55
C MET C 272 -16.10 -17.67 21.37
N SER C 273 -15.80 -18.95 21.51
CA SER C 273 -16.76 -20.01 21.28
C SER C 273 -16.88 -20.88 22.53
N LEU C 274 -18.09 -21.30 22.85
CA LEU C 274 -18.33 -22.29 23.90
C LEU C 274 -18.41 -23.68 23.29
N ALA C 275 -17.69 -24.63 23.88
CA ALA C 275 -17.66 -26.02 23.44
C ALA C 275 -18.24 -26.92 24.52
N GLU C 276 -19.10 -27.86 24.13
CA GLU C 276 -19.77 -28.70 25.09
C GLU C 276 -19.82 -30.11 24.51
N PRO C 277 -19.33 -31.11 25.24
CA PRO C 277 -19.36 -32.49 24.74
C PRO C 277 -20.77 -32.89 24.34
N ASP C 278 -20.90 -33.39 23.12
CA ASP C 278 -22.21 -33.67 22.54
C ASP C 278 -22.00 -34.43 21.24
N GLU C 279 -22.56 -35.62 21.13
CA GLU C 279 -22.21 -36.38 19.95
C GLU C 279 -23.07 -36.04 18.74
N LYS C 280 -24.05 -35.15 18.88
CA LYS C 280 -24.60 -34.52 17.69
C LYS C 280 -23.85 -33.24 17.31
N GLY C 281 -22.77 -32.91 18.02
CA GLY C 281 -22.03 -31.68 17.76
C GLY C 281 -20.96 -31.85 16.70
N CYS C 282 -20.15 -30.80 16.56
CA CYS C 282 -19.07 -30.74 15.56
C CYS C 282 -18.01 -31.81 15.84
N LEU C 283 -17.52 -32.42 14.78
CA LEU C 283 -16.26 -33.17 14.85
C LEU C 283 -15.13 -32.17 14.99
N VAL C 284 -14.60 -32.01 16.20
CA VAL C 284 -13.52 -31.06 16.47
C VAL C 284 -12.23 -31.84 16.61
N VAL C 285 -11.29 -31.60 15.68
CA VAL C 285 -10.06 -32.39 15.59
C VAL C 285 -9.06 -31.85 16.60
N LYS C 286 -8.46 -32.76 17.36
CA LYS C 286 -7.51 -32.36 18.39
C LYS C 286 -6.07 -32.61 18.00
N GLU C 287 -5.85 -33.60 17.13
CA GLU C 287 -4.53 -34.07 16.75
C GLU C 287 -4.63 -34.60 15.32
N CYS C 288 -3.65 -34.25 14.50
CA CYS C 288 -3.56 -34.70 13.13
C CYS C 288 -2.36 -35.64 12.99
N ASP C 289 -2.42 -36.50 11.98
CA ASP C 289 -1.25 -37.28 11.58
C ASP C 289 -0.23 -36.36 10.94
N ALA C 290 0.71 -35.85 11.72
CA ALA C 290 1.65 -34.85 11.22
C ALA C 290 2.63 -35.44 10.23
N GLU C 291 3.02 -36.69 10.43
CA GLU C 291 3.96 -37.31 9.50
C GLU C 291 3.32 -37.44 8.13
N LEU C 292 2.05 -37.84 8.08
CA LEU C 292 1.37 -37.89 6.80
C LEU C 292 1.16 -36.49 6.25
N PHE C 293 0.97 -35.51 7.15
CA PHE C 293 0.80 -34.14 6.71
C PHE C 293 2.04 -33.67 5.94
N VAL C 294 3.23 -33.86 6.53
CA VAL C 294 4.46 -33.41 5.88
C VAL C 294 4.64 -34.13 4.55
N LYS C 295 4.45 -35.46 4.54
CA LYS C 295 4.49 -36.23 3.29
C LYS C 295 3.59 -35.61 2.22
N ILE C 296 2.38 -35.18 2.60
CA ILE C 296 1.44 -34.58 1.64
C ILE C 296 1.97 -33.24 1.12
N LEU C 297 2.62 -32.46 1.98
CA LEU C 297 3.14 -31.16 1.57
C LEU C 297 4.37 -31.28 0.66
N ARG C 298 5.24 -32.26 0.93
CA ARG C 298 6.41 -32.45 0.07
C ARG C 298 5.99 -33.02 -1.27
N GLU C 299 5.00 -33.91 -1.29
CA GLU C 299 4.56 -34.49 -2.56
C GLU C 299 4.07 -33.43 -3.52
N LEU C 300 3.17 -32.55 -3.07
CA LEU C 300 2.65 -31.56 -4.01
C LEU C 300 3.74 -30.61 -4.48
N GLN C 301 4.83 -30.50 -3.73
CA GLN C 301 5.99 -29.73 -4.15
C GLN C 301 6.95 -30.54 -5.01
N ASP C 302 6.63 -31.80 -5.27
CA ASP C 302 7.49 -32.65 -6.09
C ASP C 302 7.26 -32.37 -7.56
N MET D 1 -13.05 14.53 -48.44
CA MET D 1 -12.20 13.88 -47.43
C MET D 1 -12.14 12.33 -47.53
N LYS D 2 -10.94 11.80 -47.78
CA LYS D 2 -10.74 10.36 -47.89
C LYS D 2 -10.44 9.73 -46.52
N LEU D 3 -11.31 8.85 -46.07
CA LEU D 3 -11.22 8.28 -44.72
C LEU D 3 -11.17 6.76 -44.75
N TRP D 4 -10.19 6.19 -44.04
CA TRP D 4 -10.16 4.78 -43.69
C TRP D 4 -10.68 4.62 -42.27
N ILE D 5 -11.53 3.62 -42.04
CA ILE D 5 -12.09 3.38 -40.70
C ILE D 5 -11.62 2.02 -40.21
N ASP D 6 -11.09 1.99 -38.98
CA ASP D 6 -10.72 0.77 -38.27
C ASP D 6 -11.62 0.65 -37.04
N THR D 7 -12.34 -0.47 -36.94
CA THR D 7 -13.24 -0.69 -35.81
C THR D 7 -13.51 -2.18 -35.58
N ASP D 8 -14.37 -2.46 -34.61
CA ASP D 8 -14.72 -3.84 -34.27
C ASP D 8 -16.23 -4.06 -34.40
N CYS D 9 -16.87 -3.24 -35.20
CA CYS D 9 -18.32 -3.31 -35.42
C CYS D 9 -19.10 -3.40 -34.11
N GLY D 10 -19.05 -2.33 -33.32
CA GLY D 10 -19.75 -2.28 -32.06
C GLY D 10 -20.96 -1.36 -32.11
N ILE D 11 -21.68 -1.27 -30.99
CA ILE D 11 -22.86 -0.43 -30.91
C ILE D 11 -22.55 1.00 -31.31
N ASP D 12 -21.66 1.65 -30.56
CA ASP D 12 -21.26 3.03 -30.85
C ASP D 12 -20.36 3.14 -32.08
N ASP D 13 -19.66 2.07 -32.45
CA ASP D 13 -18.97 2.06 -33.73
C ASP D 13 -19.95 2.31 -34.87
N ALA D 14 -21.03 1.52 -34.92
CA ALA D 14 -21.98 1.57 -36.03
C ALA D 14 -22.53 2.98 -36.22
N THR D 15 -22.90 3.65 -35.13
CA THR D 15 -23.38 5.01 -35.25
C THR D 15 -22.29 5.91 -35.84
N ALA D 16 -21.03 5.68 -35.45
CA ALA D 16 -19.96 6.54 -35.96
C ALA D 16 -19.76 6.35 -37.45
N ILE D 17 -19.81 5.10 -37.92
CA ILE D 17 -19.75 4.84 -39.35
C ILE D 17 -20.95 5.50 -40.05
N LEU D 18 -22.12 5.43 -39.42
CA LEU D 18 -23.29 6.11 -39.94
C LEU D 18 -23.08 7.60 -40.03
N ILE D 19 -22.35 8.20 -39.07
CA ILE D 19 -22.04 9.62 -39.17
C ILE D 19 -21.20 9.89 -40.40
N CYS D 20 -20.23 9.02 -40.68
CA CYS D 20 -19.38 9.22 -41.86
C CYS D 20 -20.13 8.91 -43.15
N LEU D 21 -20.93 7.84 -43.16
CA LEU D 21 -21.70 7.52 -44.35
C LEU D 21 -22.66 8.65 -44.70
N ALA D 22 -23.34 9.18 -43.70
CA ALA D 22 -24.35 10.22 -43.90
C ALA D 22 -23.77 11.55 -44.33
N ASN D 23 -22.47 11.77 -44.21
CA ASN D 23 -21.94 13.04 -44.71
C ASN D 23 -21.53 12.90 -46.16
N PRO D 24 -22.02 13.78 -47.05
CA PRO D 24 -21.74 13.60 -48.49
C PRO D 24 -20.34 14.00 -48.91
N SER D 25 -19.56 14.63 -48.03
CA SER D 25 -18.18 14.99 -48.35
C SER D 25 -17.18 13.92 -47.93
N ILE D 26 -17.62 12.88 -47.24
CA ILE D 26 -16.74 11.82 -46.75
C ILE D 26 -16.70 10.68 -47.75
N GLU D 27 -15.51 10.34 -48.23
CA GLU D 27 -15.26 9.13 -49.02
C GLU D 27 -14.64 8.09 -48.11
N ILE D 28 -15.45 7.11 -47.68
CA ILE D 28 -15.00 5.96 -46.88
C ILE D 28 -14.33 4.99 -47.84
N VAL D 29 -12.98 4.99 -47.89
CA VAL D 29 -12.28 4.16 -48.88
C VAL D 29 -12.06 2.73 -48.41
N GLY D 30 -12.36 2.41 -47.15
CA GLY D 30 -12.19 1.07 -46.66
C GLY D 30 -12.50 1.02 -45.18
N ILE D 31 -12.90 -0.17 -44.74
CA ILE D 31 -13.20 -0.43 -43.33
C ILE D 31 -12.46 -1.69 -42.93
N SER D 32 -11.51 -1.54 -42.00
CA SER D 32 -10.82 -2.69 -41.44
C SER D 32 -11.40 -3.05 -40.08
N CYS D 33 -11.41 -4.33 -39.78
CA CYS D 33 -11.99 -4.86 -38.56
C CYS D 33 -11.00 -5.53 -37.66
N ILE D 34 -11.31 -5.56 -36.40
CA ILE D 34 -10.44 -6.16 -35.46
C ILE D 34 -11.27 -6.59 -34.30
N GLY D 35 -10.88 -7.70 -33.67
CA GLY D 35 -11.60 -8.23 -32.53
C GLY D 35 -11.43 -7.40 -31.28
N GLY D 36 -12.35 -6.46 -31.09
CA GLY D 36 -12.31 -5.59 -29.92
C GLY D 36 -13.37 -5.94 -28.90
N ASN D 37 -14.55 -5.34 -29.06
CA ASN D 37 -15.66 -5.60 -28.14
C ASN D 37 -16.09 -7.06 -28.21
N ALA D 38 -16.12 -7.60 -29.42
CA ALA D 38 -16.49 -9.00 -29.64
C ALA D 38 -15.50 -9.67 -30.58
N SER D 39 -15.91 -10.80 -31.16
CA SER D 39 -15.05 -11.52 -32.08
C SER D 39 -14.95 -10.77 -33.41
N LEU D 40 -13.78 -10.88 -34.04
CA LEU D 40 -13.61 -10.44 -35.43
C LEU D 40 -14.72 -10.97 -36.31
N GLN D 41 -15.15 -12.20 -36.07
CA GLN D 41 -16.26 -12.78 -36.81
C GLN D 41 -17.51 -11.89 -36.71
N ASN D 42 -17.87 -11.50 -35.49
CA ASN D 42 -19.06 -10.67 -35.30
C ASN D 42 -18.85 -9.26 -35.80
N VAL D 43 -17.65 -8.70 -35.60
CA VAL D 43 -17.37 -7.35 -36.11
C VAL D 43 -17.65 -7.29 -37.61
N ILE D 44 -17.22 -8.31 -38.36
CA ILE D 44 -17.43 -8.30 -39.81
C ILE D 44 -18.92 -8.33 -40.12
N ARG D 45 -19.66 -9.19 -39.41
CA ARG D 45 -21.12 -9.19 -39.53
C ARG D 45 -21.70 -7.82 -39.23
N ASN D 46 -21.30 -7.23 -38.10
CA ASN D 46 -21.92 -5.98 -37.67
C ASN D 46 -21.60 -4.83 -38.64
N VAL D 47 -20.39 -4.79 -39.19
CA VAL D 47 -20.08 -3.80 -40.21
C VAL D 47 -20.98 -3.98 -41.43
N ASN D 48 -21.15 -5.23 -41.87
CA ASN D 48 -22.13 -5.50 -42.93
C ASN D 48 -23.52 -5.02 -42.52
N ARG D 49 -23.93 -5.28 -41.28
CA ARG D 49 -25.24 -4.84 -40.83
C ARG D 49 -25.39 -3.33 -41.00
N THR D 50 -24.41 -2.57 -40.52
CA THR D 50 -24.50 -1.11 -40.57
C THR D 50 -24.61 -0.59 -42.00
N LEU D 51 -23.85 -1.17 -42.94
CA LEU D 51 -23.85 -0.65 -44.30
C LEU D 51 -25.14 -0.99 -45.03
N LYS D 52 -25.72 -2.15 -44.76
CA LYS D 52 -26.99 -2.51 -45.38
C LYS D 52 -28.10 -1.61 -44.88
N VAL D 53 -28.14 -1.35 -43.58
CA VAL D 53 -29.16 -0.49 -43.00
C VAL D 53 -29.07 0.92 -43.56
N TRP D 54 -27.87 1.38 -43.88
CA TRP D 54 -27.78 2.71 -44.46
C TRP D 54 -28.05 2.69 -45.96
N GLY D 55 -27.57 1.67 -46.66
CA GLY D 55 -27.92 1.46 -48.04
C GLY D 55 -26.81 1.72 -49.03
N LYS D 56 -25.55 1.57 -48.60
CA LYS D 56 -24.39 1.69 -49.50
C LYS D 56 -23.35 0.66 -49.05
N THR D 57 -23.52 -0.58 -49.51
CA THR D 57 -22.55 -1.63 -49.27
C THR D 57 -21.46 -1.66 -50.34
N ASP D 58 -21.19 -0.52 -50.97
CA ASP D 58 -20.18 -0.29 -51.99
C ASP D 58 -18.78 -0.11 -51.41
N ILE D 59 -18.58 -0.30 -50.12
CA ILE D 59 -17.34 0.05 -49.43
C ILE D 59 -16.66 -1.23 -49.01
N PRO D 60 -15.39 -1.46 -49.37
CA PRO D 60 -14.73 -2.73 -49.04
C PRO D 60 -14.50 -2.89 -47.54
N ILE D 61 -14.64 -4.14 -47.07
CA ILE D 61 -14.50 -4.50 -45.66
C ILE D 61 -13.36 -5.50 -45.54
N PHE D 62 -12.43 -5.25 -44.62
CA PHE D 62 -11.24 -6.08 -44.45
C PHE D 62 -11.19 -6.66 -43.06
N GLY D 63 -10.98 -7.98 -42.99
CA GLY D 63 -10.69 -8.62 -41.71
C GLY D 63 -9.22 -8.48 -41.35
N GLY D 64 -8.97 -8.20 -40.09
CA GLY D 64 -7.62 -7.97 -39.61
C GLY D 64 -7.24 -9.02 -38.61
N CYS D 65 -6.55 -8.62 -37.55
CA CYS D 65 -5.98 -9.56 -36.59
C CYS D 65 -7.05 -10.14 -35.66
N GLN D 66 -6.76 -11.33 -35.14
CA GLN D 66 -7.76 -12.02 -34.31
C GLN D 66 -7.56 -11.79 -32.82
N ALA D 67 -6.42 -11.27 -32.40
CA ALA D 67 -6.13 -11.13 -30.98
C ALA D 67 -5.27 -9.91 -30.77
N PRO D 68 -5.19 -9.39 -29.53
CA PRO D 68 -4.19 -8.37 -29.22
C PRO D 68 -2.79 -8.86 -29.57
N LEU D 69 -1.85 -7.92 -29.54
CA LEU D 69 -0.45 -8.24 -29.83
C LEU D 69 0.14 -9.21 -28.80
N VAL D 70 -0.04 -8.90 -27.51
CA VAL D 70 0.61 -9.64 -26.42
C VAL D 70 -0.44 -10.09 -25.41
N GLN D 71 -1.35 -9.18 -25.09
CA GLN D 71 -2.38 -9.41 -24.10
C GLN D 71 -3.38 -10.48 -24.55
N PRO D 72 -3.97 -11.20 -23.59
CA PRO D 72 -5.08 -12.11 -23.91
C PRO D 72 -6.36 -11.35 -24.23
N LYS D 73 -7.29 -12.02 -24.85
CA LYS D 73 -8.53 -11.44 -25.30
C LYS D 73 -9.66 -10.86 -24.38
N MET D 74 -9.55 -10.94 -23.05
CA MET D 74 -10.57 -10.47 -22.05
C MET D 74 -11.95 -11.11 -21.97
N GLU D 75 -12.44 -11.21 -20.75
CA GLU D 75 -13.78 -11.72 -20.54
C GLU D 75 -14.72 -10.51 -20.72
N ILE D 76 -15.57 -10.53 -21.73
CA ILE D 76 -16.49 -9.42 -22.02
C ILE D 76 -17.80 -9.52 -21.25
N PRO D 77 -18.01 -8.57 -20.33
CA PRO D 77 -19.27 -8.75 -19.60
C PRO D 77 -20.46 -8.23 -20.43
N HIS D 78 -20.44 -8.54 -21.72
CA HIS D 78 -21.46 -8.16 -22.67
C HIS D 78 -21.77 -6.68 -22.71
N ILE D 79 -20.77 -5.80 -22.86
CA ILE D 79 -21.18 -4.40 -22.95
C ILE D 79 -22.02 -4.20 -24.19
N HIS D 80 -21.63 -4.80 -25.31
CA HIS D 80 -22.32 -4.58 -26.57
C HIS D 80 -23.20 -5.76 -26.98
N GLY D 81 -23.51 -6.66 -26.05
CA GLY D 81 -24.33 -7.81 -26.36
C GLY D 81 -23.51 -8.99 -26.87
N GLY D 82 -24.19 -10.13 -26.98
CA GLY D 82 -23.51 -11.35 -27.38
C GLY D 82 -22.96 -11.29 -28.80
N ASP D 83 -23.65 -10.60 -29.70
CA ASP D 83 -23.24 -10.46 -31.09
C ASP D 83 -22.44 -9.18 -31.34
N GLY D 84 -22.20 -8.39 -30.29
CA GLY D 84 -21.52 -7.13 -30.43
C GLY D 84 -22.38 -5.95 -30.88
N LEU D 85 -23.54 -6.18 -31.49
CA LEU D 85 -24.32 -5.08 -32.02
C LEU D 85 -25.65 -4.93 -31.30
N GLY D 86 -25.70 -5.22 -30.00
CA GLY D 86 -26.89 -5.07 -29.22
C GLY D 86 -27.85 -6.23 -29.27
N ASP D 87 -27.44 -7.36 -29.87
CA ASP D 87 -28.28 -8.55 -30.02
C ASP D 87 -29.53 -8.26 -30.84
N ILE D 88 -29.39 -7.39 -31.86
CA ILE D 88 -30.55 -7.03 -32.66
C ILE D 88 -30.94 -8.18 -33.58
N ASN D 89 -32.17 -8.11 -34.07
CA ASN D 89 -32.73 -9.14 -34.94
C ASN D 89 -32.61 -8.71 -36.39
N ASP D 90 -32.07 -9.61 -37.22
CA ASP D 90 -31.85 -9.28 -38.63
C ASP D 90 -33.18 -9.10 -39.36
N ASN D 91 -34.19 -9.88 -38.99
CA ASN D 91 -35.47 -9.76 -39.66
C ASN D 91 -36.15 -8.44 -39.33
N ASP D 92 -35.91 -7.89 -38.14
CA ASP D 92 -36.39 -6.54 -37.87
C ASP D 92 -35.76 -5.51 -38.80
N PHE D 93 -34.75 -5.91 -39.59
CA PHE D 93 -33.97 -4.97 -40.40
C PHE D 93 -33.72 -5.42 -41.83
N GLY D 94 -34.03 -6.66 -42.19
CA GLY D 94 -33.75 -7.11 -43.54
C GLY D 94 -32.30 -7.24 -43.87
N THR D 95 -31.45 -7.30 -42.85
CA THR D 95 -30.01 -7.43 -43.05
C THR D 95 -29.59 -8.88 -42.86
N ASN D 96 -30.43 -9.81 -43.32
CA ASN D 96 -30.16 -11.23 -43.20
C ASN D 96 -29.61 -11.81 -44.50
N THR D 97 -29.03 -10.95 -45.33
CA THR D 97 -28.46 -11.38 -46.60
C THR D 97 -26.98 -11.70 -46.47
N PRO D 98 -26.36 -12.15 -47.57
CA PRO D 98 -24.94 -12.51 -47.60
C PRO D 98 -24.06 -11.34 -47.17
N ASN D 99 -23.02 -11.63 -46.41
CA ASN D 99 -22.03 -10.62 -46.07
C ASN D 99 -21.07 -10.41 -47.24
N LYS D 100 -20.31 -9.33 -47.15
CA LYS D 100 -19.21 -9.07 -48.06
C LYS D 100 -17.95 -8.95 -47.25
N LEU D 101 -16.83 -9.33 -47.84
CA LEU D 101 -15.55 -9.24 -47.17
C LEU D 101 -14.47 -9.44 -48.21
N GLU D 102 -13.49 -8.56 -48.26
CA GLU D 102 -12.39 -8.76 -49.18
C GLU D 102 -11.53 -9.93 -48.73
N LYS D 103 -10.68 -10.40 -49.64
CA LYS D 103 -9.75 -11.47 -49.31
C LYS D 103 -8.53 -10.95 -48.56
N GLU D 104 -8.05 -9.75 -48.93
CA GLU D 104 -6.79 -9.27 -48.37
C GLU D 104 -6.91 -9.01 -46.88
N HIS D 105 -5.84 -9.30 -46.16
CA HIS D 105 -5.73 -8.94 -44.75
C HIS D 105 -5.73 -7.43 -44.57
N ALA D 106 -6.43 -6.97 -43.53
CA ALA D 106 -6.63 -5.55 -43.31
C ALA D 106 -5.31 -4.81 -43.18
N VAL D 107 -4.30 -5.44 -42.54
CA VAL D 107 -2.99 -4.82 -42.44
C VAL D 107 -2.46 -4.49 -43.83
N ASN D 108 -2.47 -5.48 -44.72
CA ASN D 108 -1.90 -5.27 -46.05
C ASN D 108 -2.73 -4.29 -46.85
N ALA D 109 -4.05 -4.34 -46.67
CA ALA D 109 -4.94 -3.44 -47.39
C ALA D 109 -4.69 -1.98 -46.99
N LEU D 110 -4.66 -1.73 -45.67
CA LEU D 110 -4.37 -0.39 -45.16
C LEU D 110 -3.05 0.13 -45.70
N ILE D 111 -2.02 -0.71 -45.66
CA ILE D 111 -0.70 -0.33 -46.16
C ILE D 111 -0.77 0.02 -47.64
N HIS D 112 -1.47 -0.79 -48.42
CA HIS D 112 -1.58 -0.47 -49.84
C HIS D 112 -2.35 0.84 -50.05
N ALA D 113 -3.37 1.10 -49.22
CA ALA D 113 -4.14 2.33 -49.38
C ALA D 113 -3.32 3.54 -48.96
N ALA D 114 -2.52 3.41 -47.90
CA ALA D 114 -1.58 4.45 -47.51
C ALA D 114 -0.59 4.75 -48.63
N ASN D 115 -0.13 3.72 -49.34
CA ASN D 115 0.84 3.89 -50.42
C ASN D 115 0.23 4.44 -51.70
N THR D 116 -1.09 4.36 -51.88
CA THR D 116 -1.68 4.73 -53.15
C THR D 116 -2.81 5.74 -53.10
N ILE D 117 -3.26 6.18 -51.92
CA ILE D 117 -4.37 7.13 -51.84
C ILE D 117 -3.86 8.44 -51.26
N GLU D 118 -4.07 9.51 -52.02
CA GLU D 118 -3.61 10.85 -51.67
C GLU D 118 -4.50 11.44 -50.58
N ASP D 119 -3.86 12.08 -49.60
CA ASP D 119 -4.56 12.72 -48.49
C ASP D 119 -5.49 11.72 -47.80
N LEU D 120 -4.91 10.65 -47.31
CA LEU D 120 -5.68 9.62 -46.62
C LEU D 120 -5.73 9.92 -45.13
N ASN D 121 -6.95 9.92 -44.58
CA ASN D 121 -7.16 10.03 -43.15
C ASN D 121 -7.66 8.70 -42.59
N ILE D 122 -7.42 8.49 -41.30
CA ILE D 122 -7.83 7.25 -40.66
C ILE D 122 -8.59 7.57 -39.38
N LEU D 123 -9.74 6.91 -39.22
CA LEU D 123 -10.54 6.98 -38.00
C LEU D 123 -10.40 5.64 -37.30
N CYS D 124 -9.69 5.62 -36.18
CA CYS D 124 -9.47 4.40 -35.40
C CYS D 124 -10.47 4.35 -34.26
N LEU D 125 -11.37 3.36 -34.31
CA LEU D 125 -12.45 3.22 -33.36
C LEU D 125 -12.31 1.99 -32.46
N ALA D 126 -11.12 1.40 -32.38
CA ALA D 126 -10.99 0.03 -31.91
C ALA D 126 -9.63 -0.16 -31.27
N PRO D 127 -9.38 -1.33 -30.65
CA PRO D 127 -8.01 -1.69 -30.29
C PRO D 127 -7.08 -1.56 -31.49
N LEU D 128 -5.87 -1.11 -31.23
CA LEU D 128 -5.03 -0.56 -32.28
C LEU D 128 -4.12 -1.60 -32.95
N THR D 129 -4.42 -2.90 -32.79
CA THR D 129 -3.57 -3.97 -33.29
C THR D 129 -3.24 -3.82 -34.78
N ASN D 130 -4.28 -3.65 -35.62
CA ASN D 130 -4.07 -3.56 -37.06
C ASN D 130 -3.13 -2.42 -37.40
N ILE D 131 -3.37 -1.27 -36.79
CA ILE D 131 -2.55 -0.10 -37.07
C ILE D 131 -1.12 -0.32 -36.61
N ALA D 132 -0.94 -0.88 -35.41
CA ALA D 132 0.41 -1.12 -34.89
C ALA D 132 1.22 -2.02 -35.83
N ILE D 133 0.59 -3.08 -36.32
CA ILE D 133 1.30 -4.03 -37.18
C ILE D 133 1.62 -3.39 -38.51
N ALA D 134 0.62 -2.72 -39.13
CA ALA D 134 0.88 -1.92 -40.32
C ALA D 134 2.06 -1.00 -40.08
N LEU D 135 2.09 -0.35 -38.92
CA LEU D 135 3.19 0.55 -38.62
C LEU D 135 4.50 -0.22 -38.52
N SER D 136 4.46 -1.40 -37.92
CA SER D 136 5.70 -2.14 -37.71
C SER D 136 6.25 -2.68 -39.02
N MET D 137 5.36 -3.06 -39.94
CA MET D 137 5.78 -3.68 -41.19
C MET D 137 6.22 -2.67 -42.23
N ALA D 138 5.48 -1.57 -42.37
CA ALA D 138 5.73 -0.58 -43.42
C ALA D 138 5.50 0.82 -42.86
N PRO D 139 6.42 1.29 -42.00
CA PRO D 139 6.26 2.66 -41.45
C PRO D 139 6.22 3.73 -42.53
N GLU D 140 7.08 3.60 -43.55
CA GLU D 140 7.10 4.59 -44.62
C GLU D 140 5.71 4.73 -45.25
N ALA D 141 4.99 3.61 -45.39
CA ALA D 141 3.66 3.69 -45.98
C ALA D 141 2.70 4.44 -45.07
N ILE D 142 2.62 4.03 -43.80
CA ILE D 142 1.59 4.54 -42.91
C ILE D 142 1.84 6.01 -42.56
N LEU D 143 3.10 6.46 -42.55
CA LEU D 143 3.38 7.85 -42.24
C LEU D 143 2.83 8.82 -43.30
N LYS D 144 2.56 8.34 -44.51
CA LYS D 144 1.95 9.18 -45.55
C LYS D 144 0.57 9.66 -45.16
N ILE D 145 -0.08 8.98 -44.20
CA ILE D 145 -1.46 9.30 -43.84
C ILE D 145 -1.55 10.72 -43.34
N LYS D 146 -2.50 11.48 -43.88
CA LYS D 146 -2.62 12.91 -43.57
C LYS D 146 -2.75 13.13 -42.07
N HIS D 147 -3.72 12.48 -41.42
CA HIS D 147 -4.03 12.70 -40.02
C HIS D 147 -4.54 11.39 -39.39
N PHE D 148 -4.28 11.22 -38.10
CA PHE D 148 -4.91 10.18 -37.30
C PHE D 148 -6.00 10.79 -36.41
N TYR D 149 -7.22 10.26 -36.49
CA TYR D 149 -8.27 10.49 -35.50
C TYR D 149 -8.52 9.18 -34.74
N ILE D 150 -8.38 9.22 -33.42
CA ILE D 150 -8.44 8.00 -32.60
C ILE D 150 -9.39 8.19 -31.42
N MET D 151 -10.31 7.25 -31.23
CA MET D 151 -11.01 7.07 -29.97
C MET D 151 -10.19 6.13 -29.09
N GLY D 152 -9.59 6.65 -28.04
CA GLY D 152 -8.88 5.81 -27.09
C GLY D 152 -8.35 6.64 -25.95
N GLY D 153 -8.01 5.95 -24.86
CA GLY D 153 -7.35 6.59 -23.74
C GLY D 153 -8.30 7.26 -22.78
N ALA D 154 -7.72 7.81 -21.71
CA ALA D 154 -8.45 8.69 -20.78
C ALA D 154 -7.39 9.46 -19.99
N GLU D 155 -7.07 10.67 -20.47
CA GLU D 155 -6.09 11.50 -19.78
C GLU D 155 -6.50 11.79 -18.34
N ASN D 156 -7.79 11.67 -18.03
CA ASN D 156 -8.28 11.56 -16.66
C ASN D 156 -7.51 10.55 -15.82
N GLY D 157 -7.02 9.47 -16.43
CA GLY D 157 -6.65 8.32 -15.66
C GLY D 157 -7.83 7.51 -15.19
N LYS D 158 -9.04 7.87 -15.62
CA LYS D 158 -10.27 7.21 -15.20
C LYS D 158 -10.86 6.46 -16.40
N GLY D 159 -10.73 5.13 -16.40
CA GLY D 159 -11.11 4.31 -17.53
C GLY D 159 -12.54 3.79 -17.44
N ASN D 160 -12.78 2.67 -18.12
CA ASN D 160 -14.10 2.06 -18.06
C ASN D 160 -13.98 0.58 -17.79
N ILE D 161 -13.29 -0.16 -18.66
CA ILE D 161 -13.07 -1.57 -18.41
C ILE D 161 -12.21 -1.79 -17.18
N THR D 162 -11.44 -0.78 -16.82
CA THR D 162 -10.54 -0.74 -15.69
C THR D 162 -10.66 0.65 -15.08
N PRO D 163 -10.55 0.78 -13.75
CA PRO D 163 -10.51 2.14 -13.16
C PRO D 163 -9.56 3.07 -13.88
N TYR D 164 -8.42 2.55 -14.35
CA TYR D 164 -7.36 3.36 -14.95
C TYR D 164 -7.34 3.31 -16.46
N GLY D 165 -7.96 2.32 -17.09
CA GLY D 165 -7.79 2.18 -18.51
C GLY D 165 -9.05 2.24 -19.35
N GLU D 166 -8.98 3.03 -20.43
CA GLU D 166 -10.01 3.00 -21.48
C GLU D 166 -9.92 1.69 -22.26
N PHE D 167 -11.09 1.21 -22.72
CA PHE D 167 -11.20 -0.14 -23.26
C PHE D 167 -10.21 -0.39 -24.40
N ASN D 168 -10.22 0.46 -25.42
CA ASN D 168 -9.43 0.17 -26.62
C ASN D 168 -7.95 0.06 -26.29
N TRP D 169 -7.43 0.97 -25.47
CA TRP D 169 -6.01 0.98 -25.20
C TRP D 169 -5.65 0.02 -24.07
N ARG D 170 -6.58 -0.28 -23.16
CA ARG D 170 -6.34 -1.36 -22.23
C ARG D 170 -6.27 -2.69 -22.97
N ALA D 171 -7.15 -2.90 -23.97
CA ALA D 171 -7.27 -4.19 -24.61
C ALA D 171 -6.03 -4.54 -25.43
N ASP D 172 -5.34 -3.54 -25.98
CA ASP D 172 -4.06 -3.76 -26.63
C ASP D 172 -3.13 -2.57 -26.36
N PRO D 173 -2.55 -2.52 -25.16
CA PRO D 173 -1.73 -1.35 -24.80
C PRO D 173 -0.41 -1.26 -25.55
N GLU D 174 0.21 -2.40 -25.86
CA GLU D 174 1.38 -2.39 -26.74
C GLU D 174 1.04 -1.75 -28.09
N ALA D 175 -0.03 -2.21 -28.73
CA ALA D 175 -0.45 -1.60 -29.99
C ALA D 175 -0.62 -0.10 -29.85
N ALA D 176 -1.32 0.34 -28.79
CA ALA D 176 -1.51 1.77 -28.57
C ALA D 176 -0.17 2.46 -28.45
N GLN D 177 0.75 1.87 -27.67
CA GLN D 177 2.05 2.50 -27.47
C GLN D 177 2.81 2.60 -28.78
N ILE D 178 2.68 1.58 -29.64
CA ILE D 178 3.40 1.60 -30.91
C ILE D 178 2.91 2.75 -31.77
N VAL D 179 1.59 3.00 -31.79
CA VAL D 179 1.05 4.07 -32.61
C VAL D 179 1.52 5.44 -32.09
N LEU D 180 1.46 5.63 -30.76
CA LEU D 180 1.83 6.90 -30.17
C LEU D 180 3.32 7.21 -30.27
N GLN D 181 4.16 6.20 -30.46
CA GLN D 181 5.60 6.45 -30.56
C GLN D 181 6.11 6.38 -32.00
N THR D 182 5.25 6.07 -32.95
CA THR D 182 5.72 5.91 -34.32
C THR D 182 5.08 6.89 -35.28
N TYR D 183 3.78 7.14 -35.14
CA TYR D 183 3.06 8.14 -35.91
C TYR D 183 3.08 9.47 -35.17
N PRO D 184 3.33 10.56 -35.88
CA PRO D 184 3.41 11.87 -35.22
C PRO D 184 2.22 12.17 -34.36
N GLN D 185 2.43 12.33 -33.05
CA GLN D 185 1.35 12.76 -32.18
C GLN D 185 0.79 14.13 -32.62
N TYR D 186 1.65 15.00 -33.19
CA TYR D 186 1.16 16.29 -33.65
C TYR D 186 0.05 16.08 -34.67
N GLN D 187 0.22 15.11 -35.57
CA GLN D 187 -0.80 14.78 -36.55
C GLN D 187 -1.85 13.83 -36.01
N THR D 188 -2.10 13.84 -34.71
CA THR D 188 -3.05 12.93 -34.10
C THR D 188 -4.03 13.72 -33.27
N THR D 189 -5.31 13.33 -33.32
CA THR D 189 -6.36 13.95 -32.56
C THR D 189 -7.10 12.86 -31.79
N ILE D 190 -7.16 13.01 -30.48
CA ILE D 190 -7.70 11.98 -29.61
C ILE D 190 -9.08 12.39 -29.14
N ALA D 191 -10.03 11.46 -29.22
CA ALA D 191 -11.33 11.56 -28.55
C ALA D 191 -11.34 10.50 -27.45
N SER D 192 -11.08 10.91 -26.23
CA SER D 192 -10.85 9.99 -25.13
C SER D 192 -12.15 9.56 -24.46
N TRP D 193 -12.05 8.60 -23.55
CA TRP D 193 -13.23 8.22 -22.78
C TRP D 193 -13.61 9.33 -21.81
N THR D 194 -12.63 10.10 -21.34
CA THR D 194 -12.94 11.34 -20.63
C THR D 194 -13.91 12.18 -21.43
N LEU D 195 -13.52 12.50 -22.67
CA LEU D 195 -14.37 13.25 -23.58
C LEU D 195 -15.76 12.64 -23.69
N ALA D 196 -15.84 11.33 -23.93
CA ALA D 196 -17.14 10.68 -24.06
C ALA D 196 -17.97 10.81 -22.78
N VAL D 197 -17.33 10.79 -21.61
CA VAL D 197 -18.12 10.93 -20.38
C VAL D 197 -18.50 12.39 -20.14
N PHE D 198 -17.59 13.33 -20.48
CA PHE D 198 -17.92 14.74 -20.45
C PHE D 198 -19.18 15.04 -21.27
N ASN D 199 -19.13 14.79 -22.58
CA ASN D 199 -20.26 15.06 -23.46
C ASN D 199 -21.25 13.90 -23.48
N SER D 200 -21.62 13.38 -22.32
CA SER D 200 -22.67 12.37 -22.26
C SER D 200 -24.05 13.04 -22.18
N PHE D 201 -25.09 12.21 -22.13
CA PHE D 201 -26.47 12.66 -22.15
C PHE D 201 -27.31 11.68 -21.34
N ASN D 202 -28.17 12.20 -20.49
CA ASN D 202 -29.18 11.36 -19.86
C ASN D 202 -30.17 10.89 -20.93
N ALA D 203 -30.35 9.57 -21.02
CA ALA D 203 -31.33 9.04 -21.96
C ALA D 203 -32.74 9.36 -21.53
N ASN D 204 -33.01 9.35 -20.22
CA ASN D 204 -34.30 9.81 -19.70
C ASN D 204 -34.62 11.22 -20.18
N ASP D 205 -33.61 12.06 -20.38
CA ASP D 205 -33.79 13.47 -20.73
C ASP D 205 -33.51 13.78 -22.20
N TYR D 206 -32.95 12.85 -22.96
CA TYR D 206 -32.65 13.07 -24.36
C TYR D 206 -33.22 11.94 -25.20
N ASP D 207 -33.59 12.30 -26.43
CA ASP D 207 -34.40 11.43 -27.27
C ASP D 207 -33.68 10.84 -28.46
N PHE D 208 -32.63 11.50 -28.95
CA PHE D 208 -32.12 11.26 -30.30
C PHE D 208 -31.61 9.84 -30.53
N PHE D 209 -31.48 9.02 -29.50
CA PHE D 209 -31.23 7.59 -29.69
C PHE D 209 -32.47 6.78 -29.37
N ASN D 210 -33.63 7.37 -29.62
CA ASN D 210 -34.92 6.74 -29.35
C ASN D 210 -35.99 7.32 -30.26
N LEU D 211 -35.85 7.10 -31.56
CA LEU D 211 -36.81 7.59 -32.55
C LEU D 211 -37.18 6.48 -33.53
N ASP D 212 -38.37 6.59 -34.11
CA ASP D 212 -38.84 5.59 -35.07
C ASP D 212 -39.42 6.25 -36.31
N GLY D 213 -39.39 5.52 -37.43
CA GLY D 213 -39.91 6.01 -38.68
C GLY D 213 -39.30 5.32 -39.89
N ASN D 214 -38.05 4.90 -39.73
CA ASN D 214 -37.35 4.22 -40.79
C ASN D 214 -36.49 3.08 -40.30
N LEU D 215 -35.65 2.56 -41.17
CA LEU D 215 -34.75 1.51 -40.70
C LEU D 215 -33.62 2.09 -39.87
N VAL D 216 -33.16 3.30 -40.20
CA VAL D 216 -32.01 3.87 -39.50
C VAL D 216 -32.33 4.12 -38.03
N ARG D 217 -33.46 4.79 -37.74
CA ARG D 217 -33.82 5.05 -36.36
C ARG D 217 -34.12 3.76 -35.61
N ARG D 218 -34.75 2.79 -36.28
CA ARG D 218 -34.91 1.48 -35.66
C ARG D 218 -33.55 0.92 -35.27
N PHE D 219 -32.56 1.06 -36.15
CA PHE D 219 -31.22 0.55 -35.91
C PHE D 219 -30.61 1.20 -34.67
N ILE D 220 -30.45 2.52 -34.72
CA ILE D 220 -29.76 3.22 -33.64
C ILE D 220 -30.47 2.96 -32.31
N ARG D 221 -31.79 3.13 -32.29
CA ARG D 221 -32.53 2.93 -31.05
C ARG D 221 -32.33 1.53 -30.50
N GLU D 222 -32.48 0.52 -31.37
CA GLU D 222 -32.41 -0.85 -30.88
C GLU D 222 -30.99 -1.27 -30.54
N THR D 223 -30.01 -0.82 -31.32
CA THR D 223 -28.62 -1.15 -30.98
C THR D 223 -28.21 -0.45 -29.69
N TRP D 224 -28.53 0.84 -29.57
CA TRP D 224 -28.07 1.60 -28.41
C TRP D 224 -28.77 1.23 -27.12
N LYS D 225 -29.84 0.44 -27.16
CA LYS D 225 -30.59 0.24 -25.92
C LYS D 225 -29.75 -0.47 -24.86
N PRO D 226 -29.29 -1.71 -25.08
CA PRO D 226 -28.61 -2.44 -23.99
C PRO D 226 -27.43 -1.70 -23.40
N ILE D 227 -26.75 -0.88 -24.19
CA ILE D 227 -25.50 -0.29 -23.71
C ILE D 227 -25.74 1.02 -22.97
N ILE D 228 -26.79 1.78 -23.30
CA ILE D 228 -27.01 2.98 -22.49
C ILE D 228 -27.56 2.57 -21.14
N ALA D 229 -28.30 1.45 -21.10
CA ALA D 229 -28.62 0.81 -19.83
C ALA D 229 -27.36 0.40 -19.09
N PHE D 230 -26.36 -0.06 -19.84
CA PHE D 230 -25.09 -0.49 -19.25
C PHE D 230 -24.42 0.67 -18.53
N ASP D 231 -24.38 1.82 -19.20
CA ASP D 231 -23.77 3.01 -18.62
C ASP D 231 -24.71 3.64 -17.61
N GLY D 232 -25.77 2.93 -17.26
CA GLY D 232 -26.74 3.43 -16.31
C GLY D 232 -27.58 4.60 -16.79
N GLY D 233 -28.33 4.40 -17.87
CA GLY D 233 -29.23 5.41 -18.36
C GLY D 233 -28.59 6.60 -19.04
N ARG D 234 -27.27 6.61 -19.20
CA ARG D 234 -26.59 7.70 -19.89
C ARG D 234 -26.08 7.23 -21.24
N ILE D 235 -25.88 8.18 -22.15
CA ILE D 235 -25.39 7.92 -23.50
C ILE D 235 -24.01 8.54 -23.61
N CYS D 236 -22.97 7.72 -23.58
CA CYS D 236 -21.60 8.22 -23.72
C CYS D 236 -21.11 7.87 -25.12
N PRO D 237 -21.10 8.81 -26.06
CA PRO D 237 -20.95 8.45 -27.48
C PRO D 237 -19.50 8.49 -27.95
N ALA D 238 -18.72 7.55 -27.44
CA ALA D 238 -17.27 7.58 -27.62
C ALA D 238 -16.88 7.58 -29.09
N ASP D 239 -17.27 6.54 -29.81
CA ASP D 239 -16.90 6.46 -31.22
C ASP D 239 -17.62 7.51 -32.07
N PRO D 240 -18.93 7.76 -31.84
CA PRO D 240 -19.57 8.88 -32.56
C PRO D 240 -18.88 10.22 -32.36
N LEU D 241 -18.45 10.53 -31.14
CA LEU D 241 -17.68 11.76 -30.94
C LEU D 241 -16.41 11.77 -31.80
N ALA D 242 -15.76 10.61 -31.95
CA ALA D 242 -14.56 10.52 -32.76
C ALA D 242 -14.86 10.77 -34.23
N ALA D 243 -15.92 10.13 -34.76
CA ALA D 243 -16.36 10.42 -36.12
C ALA D 243 -16.75 11.89 -36.28
N PHE D 244 -17.51 12.41 -35.32
CA PHE D 244 -17.87 13.83 -35.27
C PHE D 244 -16.64 14.71 -35.44
N ILE D 245 -15.66 14.56 -34.53
CA ILE D 245 -14.45 15.37 -34.63
C ILE D 245 -13.79 15.17 -35.99
N ALA D 246 -13.72 13.92 -36.48
CA ALA D 246 -13.01 13.67 -37.73
C ALA D 246 -13.74 14.26 -38.92
N VAL D 247 -15.06 14.07 -38.99
CA VAL D 247 -15.81 14.56 -40.14
C VAL D 247 -15.96 16.08 -40.09
N TYR D 248 -16.21 16.61 -38.90
CA TYR D 248 -16.38 18.06 -38.72
C TYR D 248 -15.05 18.74 -38.43
N GLY D 249 -14.25 18.14 -37.55
CA GLY D 249 -12.97 18.69 -37.18
C GLY D 249 -13.07 19.86 -36.22
N ASP D 250 -12.66 21.02 -36.72
CA ASP D 250 -12.64 22.27 -35.96
C ASP D 250 -14.01 22.91 -35.90
N ARG D 251 -14.98 22.26 -36.53
CA ARG D 251 -16.37 22.73 -36.53
C ARG D 251 -17.11 22.14 -35.33
N ALA D 252 -16.47 21.22 -34.62
CA ALA D 252 -17.06 20.58 -33.46
C ALA D 252 -16.17 20.65 -32.23
N ILE D 253 -14.90 21.06 -32.38
CA ILE D 253 -14.06 21.12 -31.18
C ILE D 253 -14.32 22.43 -30.46
N LYS D 254 -14.89 22.35 -29.26
CA LYS D 254 -14.99 23.53 -28.41
C LYS D 254 -13.68 23.79 -27.68
N ARG D 255 -13.08 22.75 -27.09
CA ARG D 255 -11.92 22.89 -26.23
C ARG D 255 -11.05 21.66 -26.34
N ALA D 256 -9.73 21.88 -26.46
CA ALA D 256 -8.78 20.80 -26.62
C ALA D 256 -7.42 21.23 -26.07
N GLU D 257 -6.61 20.24 -25.65
CA GLU D 257 -5.26 20.49 -25.17
C GLU D 257 -4.25 19.64 -25.92
N ARG D 258 -3.04 20.18 -26.07
CA ARG D 258 -1.93 19.45 -26.65
C ARG D 258 -1.24 18.66 -25.55
N LEU D 259 -1.36 17.33 -25.60
CA LEU D 259 -0.87 16.44 -24.56
C LEU D 259 -0.09 15.29 -25.20
N HIS D 260 1.15 15.09 -24.76
CA HIS D 260 1.93 13.93 -25.18
C HIS D 260 1.48 12.73 -24.36
N LEU D 261 1.05 11.68 -25.04
CA LEU D 261 0.54 10.50 -24.37
C LEU D 261 1.51 9.33 -24.53
N SER D 262 1.45 8.44 -23.55
CA SER D 262 2.28 7.26 -23.50
C SER D 262 1.53 6.25 -22.64
N MET D 263 1.85 4.97 -22.83
CA MET D 263 1.11 3.90 -22.17
C MET D 263 1.82 3.44 -20.91
N VAL D 264 1.03 3.02 -19.94
CA VAL D 264 1.54 2.17 -18.86
C VAL D 264 1.37 0.73 -19.30
N LEU D 265 2.48 0.00 -19.38
CA LEU D 265 2.51 -1.33 -19.97
C LEU D 265 2.65 -2.43 -18.92
N GLU D 266 2.24 -2.17 -17.67
CA GLU D 266 2.37 -3.14 -16.58
C GLU D 266 1.55 -2.67 -15.37
N GLY D 267 1.53 -3.52 -14.33
CA GLY D 267 0.91 -3.21 -13.05
C GLY D 267 -0.61 -3.11 -13.12
N GLU D 268 -1.18 -2.58 -12.03
CA GLU D 268 -2.63 -2.40 -11.95
C GLU D 268 -3.12 -1.31 -12.91
N LYS D 269 -2.25 -0.34 -13.22
CA LYS D 269 -2.65 0.71 -14.14
C LYS D 269 -2.36 0.30 -15.59
N LEU D 270 -2.35 -1.01 -15.88
CA LEU D 270 -2.11 -1.47 -17.25
C LEU D 270 -3.17 -0.91 -18.19
N GLY D 271 -2.71 -0.30 -19.28
CA GLY D 271 -3.62 0.30 -20.23
C GLY D 271 -3.99 1.73 -19.93
N MET D 272 -3.37 2.34 -18.93
CA MET D 272 -3.63 3.74 -18.62
C MET D 272 -2.86 4.62 -19.58
N SER D 273 -3.48 5.73 -19.97
CA SER D 273 -2.85 6.70 -20.88
C SER D 273 -2.28 7.82 -20.04
N LEU D 274 -0.96 7.92 -19.98
CA LEU D 274 -0.30 9.03 -19.30
C LEU D 274 -0.25 10.25 -20.21
N ALA D 275 -0.34 11.43 -19.60
CA ALA D 275 -0.43 12.67 -20.36
C ALA D 275 0.44 13.75 -19.75
N GLU D 276 1.30 14.38 -20.56
CA GLU D 276 2.10 15.56 -20.28
C GLU D 276 1.67 16.68 -21.22
N PRO D 277 1.57 17.92 -20.74
CA PRO D 277 1.49 19.06 -21.66
C PRO D 277 2.68 19.07 -22.62
N ASP D 278 2.38 19.19 -23.91
CA ASP D 278 3.41 19.11 -24.94
C ASP D 278 2.80 19.65 -26.23
N GLU D 279 3.34 20.75 -26.73
CA GLU D 279 2.71 21.46 -27.86
C GLU D 279 2.81 20.67 -29.16
N LYS D 280 3.63 19.63 -29.20
CA LYS D 280 3.70 18.78 -30.37
C LYS D 280 3.23 17.36 -30.04
N GLY D 281 2.32 17.22 -29.08
CA GLY D 281 1.65 15.97 -28.79
C GLY D 281 0.28 15.90 -29.44
N CYS D 282 -0.53 14.95 -28.97
CA CYS D 282 -1.88 14.77 -29.49
C CYS D 282 -2.77 15.97 -29.14
N LEU D 283 -3.56 16.40 -30.10
CA LEU D 283 -4.72 17.22 -29.76
C LEU D 283 -5.72 16.32 -29.04
N VAL D 284 -5.83 16.51 -27.73
CA VAL D 284 -6.77 15.74 -26.93
C VAL D 284 -8.00 16.61 -26.73
N VAL D 285 -9.07 16.27 -27.45
CA VAL D 285 -10.29 17.07 -27.44
C VAL D 285 -10.94 16.97 -26.06
N LYS D 286 -10.99 18.09 -25.34
CA LYS D 286 -11.57 18.12 -24.01
C LYS D 286 -13.06 18.41 -24.00
N GLU D 287 -13.60 19.02 -25.06
CA GLU D 287 -15.02 19.31 -25.14
C GLU D 287 -15.39 19.62 -26.58
N CYS D 288 -16.51 19.06 -27.03
CA CYS D 288 -17.06 19.31 -28.37
C CYS D 288 -18.37 20.10 -28.29
N ASP D 289 -18.89 20.41 -29.49
CA ASP D 289 -20.16 21.12 -29.69
C ASP D 289 -21.32 20.12 -29.64
N ALA D 290 -21.82 19.86 -28.42
CA ALA D 290 -22.95 18.94 -28.26
C ALA D 290 -24.14 19.33 -29.13
N GLU D 291 -24.35 20.62 -29.37
CA GLU D 291 -25.49 21.06 -30.18
C GLU D 291 -25.30 20.65 -31.63
N LEU D 292 -24.23 21.13 -32.27
CA LEU D 292 -23.90 20.67 -33.61
C LEU D 292 -23.83 19.14 -33.70
N PHE D 293 -23.43 18.48 -32.60
CA PHE D 293 -23.32 17.03 -32.59
C PHE D 293 -24.70 16.38 -32.69
N VAL D 294 -25.60 16.73 -31.76
CA VAL D 294 -26.95 16.17 -31.80
C VAL D 294 -27.67 16.58 -33.07
N LYS D 295 -27.28 17.70 -33.68
CA LYS D 295 -27.88 18.10 -34.95
C LYS D 295 -27.60 17.05 -36.03
N ILE D 296 -26.32 16.85 -36.35
CA ILE D 296 -25.95 15.90 -37.39
C ILE D 296 -26.42 14.49 -37.05
N LEU D 297 -26.49 14.15 -35.75
CA LEU D 297 -27.11 12.90 -35.33
C LEU D 297 -28.59 12.86 -35.66
N ARG D 298 -29.23 14.01 -35.81
CA ARG D 298 -30.62 14.05 -36.26
C ARG D 298 -30.71 14.10 -37.77
N GLU D 299 -29.86 14.90 -38.43
CA GLU D 299 -29.90 14.97 -39.89
C GLU D 299 -29.84 13.58 -40.51
N LEU D 300 -28.99 12.71 -39.97
CA LEU D 300 -28.85 11.39 -40.54
C LEU D 300 -30.04 10.49 -40.23
N GLN D 301 -30.90 10.86 -39.29
CA GLN D 301 -32.04 10.03 -38.97
C GLN D 301 -33.36 10.51 -39.59
N ASP D 302 -33.42 11.74 -40.07
CA ASP D 302 -34.65 12.20 -40.73
C ASP D 302 -34.83 11.47 -42.06
N HIS D 303 -36.09 11.11 -42.33
CA HIS D 303 -36.46 10.21 -43.42
C HIS D 303 -35.82 10.60 -44.75
N GLN D 304 -35.02 9.69 -45.30
CA GLN D 304 -34.16 9.94 -46.44
C GLN D 304 -34.93 10.08 -47.75
C1 GOL E . 12.24 23.03 -2.69
O1 GOL E . 11.85 22.51 -1.43
C2 GOL E . 13.24 22.08 -3.36
O2 GOL E . 13.81 21.25 -2.36
C3 GOL E . 12.50 21.26 -4.43
O3 GOL E . 13.10 20.01 -4.65
C10 R2O F . 14.22 25.77 -6.77
C12 R2O F . 16.91 21.30 -6.83
C02 R2O F . 17.93 19.34 -7.72
C03 R2O F . 18.01 19.92 -8.97
C04 R2O F . 17.53 21.19 -9.14
C05 R2O F . 16.98 21.90 -8.08
C07 R2O F . 15.59 23.98 -7.52
C09 R2O F . 14.15 24.65 -5.79
C13 R2O F . 17.37 20.01 -6.65
F01 R2O F . 18.40 18.08 -7.58
N06 R2O F . 16.50 23.24 -8.35
N08 R2O F . 14.99 23.56 -6.25
N11 R2O F . 15.10 25.33 -7.83
CA CA G . 13.23 23.80 0.57
C1 GOL H . 11.42 -11.66 22.02
O1 GOL H . 11.79 -11.31 20.71
C2 GOL H . 11.73 -10.53 23.01
O2 GOL H . 12.25 -9.32 22.54
C3 GOL H . 10.66 -10.29 24.08
O3 GOL H . 9.30 -10.28 23.78
CA CA I . 10.56 -7.93 24.38
C1 GOL J . -5.09 -16.58 8.70
O1 GOL J . -6.20 -15.82 9.10
C2 GOL J . -5.58 -17.86 8.03
O2 GOL J . -5.86 -17.68 6.66
C3 GOL J . -6.60 -18.66 8.89
O3 GOL J . -7.68 -19.17 8.14
C10 R2O K . -2.48 -18.18 10.05
C12 R2O K . -2.22 -15.67 13.74
C02 R2O K . -2.14 -13.55 14.88
C03 R2O K . -0.85 -13.35 14.45
C04 R2O K . -0.24 -14.31 13.66
C05 R2O K . -0.92 -15.45 13.29
C07 R2O K . -0.88 -17.27 11.51
C09 R2O K . -1.18 -18.89 9.84
C13 R2O K . -2.84 -14.70 14.52
F01 R2O K . -2.72 -12.58 15.66
N06 R2O K . -0.24 -16.46 12.51
N08 R2O K . -0.21 -18.33 10.75
N11 R2O K . -2.27 -17.19 11.06
CA CA L . -7.83 -18.13 5.80
C1 GOL M . -14.64 0.85 -27.00
O1 GOL M . -15.71 0.25 -26.28
C2 GOL M . -14.99 2.29 -27.41
O2 GOL M . -14.34 2.67 -28.63
C3 GOL M . -14.86 3.28 -26.25
O3 GOL M . -14.40 2.77 -25.02
C10 R2O N . -20.04 3.43 -25.69
C12 R2O N . -18.43 1.02 -20.32
C02 R2O N . -16.67 -0.58 -20.51
C03 R2O N . -16.84 -0.61 -21.88
C04 R2O N . -17.81 0.18 -22.47
C05 R2O N . -18.61 0.99 -21.70
C07 R2O N . -19.51 2.32 -23.68
C09 R2O N . -18.72 2.72 -25.88
C13 R2O N . -17.47 0.23 -19.73
F01 R2O N . -15.71 -1.36 -19.94
N06 R2O N . -19.63 1.84 -22.31
N08 R2O N . -18.42 2.05 -24.64
N11 R2O N . -20.50 3.17 -24.34
CA CA O . -15.18 0.89 -30.82
#